data_6H0U
#
_entry.id   6H0U
#
_cell.length_a   86.803
_cell.length_b   94.542
_cell.length_c   106.579
_cell.angle_alpha   90.00
_cell.angle_beta   90.00
_cell.angle_gamma   90.00
#
_symmetry.space_group_name_H-M   'P 21 21 21'
#
loop_
_entity.id
_entity.type
_entity.pdbx_description
1 polymer 'Glycogen synthase kinase-3 beta'
2 non-polymer (2~{R})-3-[7-azanyl-5-(cyclohexylamino)-[1,2,4]triazolo[1,5-a][1,3,5]triazin-2-yl]-2-cyano-propanamide
3 non-polymer 'MALONATE ION'
4 non-polymer GLYCEROL
5 non-polymer 'CHLORIDE ION'
6 non-polymer 'SODIUM ION'
7 water water
#
_entity_poly.entity_id   1
_entity_poly.type   'polypeptide(L)'
_entity_poly.pdbx_seq_one_letter_code
;MSGRPRTTSFAESCKPVQQPSAFGSMKVSRDKDGSKVTTVVATPGQGPDRPQEVSYTDTKVIGNGSFGVVYQAKLCDSGE
LVAIKKVLQDKRFKNRELQIMRKLDHCNIVRLRYFFYSSGEKKDEVYLNLVLDYVPETVYRVARHYSRAKQTLPVIYVKL
YMYQLFRSLAYIHSFGICHRDIKPQNLLLDPDTAVLKLCDFGSAKQLVRGEPNVSYICSRYYRAPELIFGATDYTSSIDV
WSAGCVLAELLLGQPIFPGDSGVDQLVEIIKVLGTPTREQIREMNPNYTEFKFPQIKAHPWTKVFRPRTPPEAIALCSRL
LEYTPTARLTPLEACAHSFFDELRDPNVKLPNGRDTPALFNFTTQELSSNPPLATILIPPHARIQAAASTPTNATAASDA
NTGDRGQTNNAASASASNST
;
_entity_poly.pdbx_strand_id   A,B
#
# COMPACT_ATOMS: atom_id res chain seq x y z
N LYS A 36 -12.23 26.95 26.00
CA LYS A 36 -10.84 27.06 26.56
C LYS A 36 -10.62 26.06 27.71
N VAL A 37 -11.50 26.06 28.71
CA VAL A 37 -11.64 24.92 29.63
C VAL A 37 -12.89 24.13 29.28
N THR A 38 -12.72 22.90 28.79
CA THR A 38 -13.82 21.98 28.55
C THR A 38 -13.97 21.05 29.76
N THR A 39 -15.24 20.71 30.08
CA THR A 39 -15.61 19.69 31.11
C THR A 39 -16.55 18.64 30.51
N VAL A 40 -16.23 17.38 30.75
CA VAL A 40 -17.02 16.25 30.33
C VAL A 40 -17.14 15.26 31.49
N VAL A 41 -18.14 14.40 31.39
CA VAL A 41 -18.27 13.24 32.25
C VAL A 41 -17.59 12.06 31.54
N ALA A 42 -16.62 11.41 32.21
CA ALA A 42 -15.82 10.32 31.63
C ALA A 42 -15.69 9.19 32.64
N THR A 43 -15.44 7.98 32.12
CA THR A 43 -15.17 6.79 32.92
C THR A 43 -13.67 6.56 33.00
N PRO A 44 -13.10 6.28 34.20
CA PRO A 44 -11.70 5.89 34.34
C PRO A 44 -11.43 4.69 33.43
N GLY A 45 -10.35 4.77 32.65
CA GLY A 45 -9.99 3.73 31.69
C GLY A 45 -9.86 2.38 32.37
N GLN A 46 -9.08 2.37 33.45
CA GLN A 46 -8.89 1.23 34.34
C GLN A 46 -9.24 1.72 35.76
N GLY A 47 -9.73 0.82 36.59
CA GLY A 47 -10.14 1.17 37.96
C GLY A 47 -11.65 1.09 38.09
N PRO A 48 -12.26 1.73 39.12
CA PRO A 48 -13.71 1.65 39.32
C PRO A 48 -14.49 2.28 38.15
N ASP A 49 -15.59 1.63 37.77
CA ASP A 49 -16.43 1.99 36.65
C ASP A 49 -17.30 3.21 36.99
N ARG A 50 -16.75 4.18 37.74
CA ARG A 50 -17.52 5.22 38.39
C ARG A 50 -17.33 6.54 37.67
N PRO A 51 -18.36 7.13 37.06
CA PRO A 51 -18.16 8.33 36.25
C PRO A 51 -17.62 9.50 37.08
N GLN A 52 -16.74 10.28 36.43
CA GLN A 52 -16.03 11.40 36.99
C GLN A 52 -16.18 12.60 36.05
N GLU A 53 -16.26 13.78 36.66
CA GLU A 53 -16.14 15.06 35.98
C GLU A 53 -14.65 15.28 35.63
N VAL A 54 -14.34 15.63 34.38
CA VAL A 54 -12.96 15.75 33.92
C VAL A 54 -12.84 17.07 33.16
N SER A 55 -11.91 17.92 33.60
CA SER A 55 -11.70 19.24 33.02
C SER A 55 -10.34 19.28 32.30
N TYR A 56 -10.32 19.88 31.11
CA TYR A 56 -9.13 19.94 30.30
C TYR A 56 -9.13 21.21 29.44
N THR A 57 -7.94 21.70 29.10
CA THR A 57 -7.73 22.97 28.41
C THR A 57 -6.56 22.84 27.42
N ASP A 58 -6.19 23.97 26.78
CA ASP A 58 -5.09 24.06 25.82
C ASP A 58 -5.29 22.99 24.73
N THR A 59 -6.52 22.87 24.23
CA THR A 59 -6.89 21.80 23.33
C THR A 59 -6.51 22.21 21.91
N LYS A 60 -5.78 21.33 21.20
CA LYS A 60 -5.46 21.53 19.77
C LYS A 60 -5.32 20.18 19.06
N VAL A 61 -5.66 20.18 17.75
CA VAL A 61 -5.54 19.03 16.83
C VAL A 61 -4.06 18.75 16.57
N ILE A 62 -3.62 17.51 16.83
CA ILE A 62 -2.24 17.12 16.54
C ILE A 62 -2.18 16.08 15.40
N GLY A 63 -3.32 15.54 14.95
CA GLY A 63 -3.34 14.51 13.93
C GLY A 63 -4.73 14.28 13.38
N ASN A 64 -4.81 14.01 12.08
CA ASN A 64 -6.01 13.54 11.35
C ASN A 64 -5.71 12.10 10.88
N GLY A 65 -6.72 11.42 10.33
CA GLY A 65 -6.57 10.01 9.92
C GLY A 65 -7.89 9.38 9.49
N SER A 66 -7.80 8.17 8.93
CA SER A 66 -9.01 7.44 8.51
C SER A 66 -9.84 7.06 9.74
N PHE A 67 -9.14 6.74 10.83
CA PHE A 67 -9.75 6.48 12.18
C PHE A 67 -10.60 7.69 12.64
N GLY A 68 -9.99 8.89 12.60
CA GLY A 68 -10.58 10.14 13.09
C GLY A 68 -9.51 11.19 13.42
N VAL A 69 -9.64 11.84 14.59
CA VAL A 69 -8.82 12.99 14.94
C VAL A 69 -8.12 12.70 16.26
N VAL A 70 -6.88 13.16 16.39
CA VAL A 70 -6.16 13.17 17.66
C VAL A 70 -5.96 14.63 18.09
N TYR A 71 -6.16 14.89 19.39
CA TYR A 71 -6.05 16.20 19.98
C TYR A 71 -5.03 16.12 21.12
N GLN A 72 -4.25 17.19 21.31
CA GLN A 72 -3.53 17.37 22.55
C GLN A 72 -4.34 18.28 23.48
N ALA A 73 -4.30 17.97 24.78
CA ALA A 73 -4.85 18.85 25.80
C ALA A 73 -4.14 18.61 27.12
N LYS A 74 -4.45 19.49 28.07
CA LYS A 74 -3.89 19.49 29.41
C LYS A 74 -5.04 19.34 30.40
N LEU A 75 -4.90 18.36 31.31
CA LEU A 75 -5.80 18.17 32.40
C LEU A 75 -5.62 19.32 33.39
N CYS A 76 -6.72 19.91 33.84
CA CYS A 76 -6.72 21.08 34.72
C CYS A 76 -6.23 20.73 36.14
N ASP A 77 -6.73 19.64 36.71
CA ASP A 77 -6.33 19.25 38.03
C ASP A 77 -4.80 19.13 38.07
N SER A 78 -4.30 18.14 37.31
CA SER A 78 -2.96 17.63 37.46
C SER A 78 -1.93 18.47 36.71
N GLY A 79 -2.32 19.12 35.61
CA GLY A 79 -1.35 19.76 34.70
C GLY A 79 -0.78 18.79 33.66
N GLU A 80 -1.10 17.49 33.80
CA GLU A 80 -0.62 16.43 32.90
C GLU A 80 -1.25 16.57 31.51
N LEU A 81 -0.38 16.47 30.51
CA LEU A 81 -0.77 16.45 29.12
C LEU A 81 -1.39 15.08 28.78
N VAL A 82 -2.40 15.11 27.91
CA VAL A 82 -3.06 13.94 27.38
C VAL A 82 -3.16 14.08 25.86
N ALA A 83 -3.40 12.94 25.23
CA ALA A 83 -3.75 12.84 23.85
C ALA A 83 -5.16 12.24 23.80
N ILE A 84 -6.06 12.88 23.05
CA ILE A 84 -7.44 12.46 22.97
C ILE A 84 -7.71 11.95 21.57
N LYS A 85 -7.90 10.64 21.42
CA LYS A 85 -8.24 10.02 20.17
C LYS A 85 -9.77 9.93 20.06
N LYS A 86 -10.31 10.51 19.00
CA LYS A 86 -11.76 10.59 18.81
C LYS A 86 -12.15 9.84 17.54
N VAL A 87 -12.96 8.78 17.69
CA VAL A 87 -13.29 7.90 16.58
C VAL A 87 -14.79 7.70 16.49
N LEU A 88 -15.24 7.33 15.29
CA LEU A 88 -16.63 7.01 15.05
C LEU A 88 -16.98 5.76 15.87
N GLN A 89 -18.08 5.84 16.64
CA GLN A 89 -18.60 4.70 17.38
C GLN A 89 -19.68 4.02 16.55
N ASP A 90 -19.51 2.72 16.28
CA ASP A 90 -20.54 1.89 15.66
C ASP A 90 -21.70 1.76 16.64
N LYS A 91 -22.86 2.31 16.28
CA LYS A 91 -24.03 2.38 17.17
C LYS A 91 -24.53 0.98 17.56
N ARG A 92 -24.15 -0.07 16.82
CA ARG A 92 -24.85 -1.37 16.89
C ARG A 92 -23.98 -2.49 17.50
N PHE A 93 -22.67 -2.28 17.68
CA PHE A 93 -21.89 -3.21 18.54
C PHE A 93 -20.84 -2.41 19.33
N LYS A 94 -20.45 -2.96 20.47
CA LYS A 94 -19.50 -2.29 21.38
C LYS A 94 -18.12 -2.20 20.71
N ASN A 95 -17.39 -1.14 21.04
CA ASN A 95 -16.15 -0.78 20.40
C ASN A 95 -15.04 -1.73 20.83
N ARG A 96 -14.41 -2.41 19.86
CA ARG A 96 -13.42 -3.44 20.13
C ARG A 96 -12.12 -2.84 20.70
N GLU A 97 -11.69 -1.72 20.13
CA GLU A 97 -10.54 -0.98 20.60
C GLU A 97 -10.68 -0.59 22.09
N LEU A 98 -11.82 0.01 22.46
CA LEU A 98 -12.08 0.37 23.85
C LEU A 98 -12.00 -0.92 24.67
N GLN A 99 -12.75 -1.94 24.27
CA GLN A 99 -12.80 -3.19 25.03
C GLN A 99 -11.37 -3.70 25.29
N ILE A 100 -10.51 -3.72 24.27
CA ILE A 100 -9.14 -4.22 24.43
C ILE A 100 -8.37 -3.28 25.37
N MET A 101 -8.46 -1.97 25.15
CA MET A 101 -7.65 -1.01 25.87
C MET A 101 -7.99 -0.98 27.38
N ARG A 102 -9.23 -1.36 27.75
CA ARG A 102 -9.64 -1.39 29.16
C ARG A 102 -9.07 -2.60 29.89
N LYS A 103 -8.58 -3.62 29.19
CA LYS A 103 -8.02 -4.78 29.88
C LYS A 103 -6.49 -4.70 29.92
N LEU A 104 -5.88 -3.85 29.09
CA LEU A 104 -4.43 -3.81 29.03
C LEU A 104 -3.86 -2.91 30.13
N ASP A 105 -2.87 -3.43 30.87
CA ASP A 105 -2.10 -2.65 31.83
C ASP A 105 -0.62 -3.06 31.74
N HIS A 106 0.22 -2.17 31.17
CA HIS A 106 1.63 -2.52 30.88
C HIS A 106 2.47 -1.25 30.64
N CYS A 107 3.69 -1.24 31.23
CA CYS A 107 4.62 -0.12 31.14
C CYS A 107 4.96 0.21 29.69
N ASN A 108 4.82 -0.75 28.76
CA ASN A 108 5.19 -0.47 27.37
C ASN A 108 3.95 -0.37 26.47
N ILE A 109 2.78 -0.04 27.04
CA ILE A 109 1.56 0.24 26.28
C ILE A 109 0.95 1.54 26.82
N VAL A 110 0.59 2.46 25.91
CA VAL A 110 0.07 3.76 26.32
C VAL A 110 -1.20 3.53 27.15
N ARG A 111 -1.29 4.28 28.26
CA ARG A 111 -2.32 4.10 29.24
C ARG A 111 -3.58 4.86 28.81
N LEU A 112 -4.74 4.21 28.99
CA LEU A 112 -6.06 4.83 28.87
C LEU A 112 -6.46 5.40 30.23
N ARG A 113 -6.56 6.72 30.31
CA ARG A 113 -6.94 7.41 31.55
C ARG A 113 -8.46 7.47 31.66
N TYR A 114 -9.12 7.92 30.58
CA TYR A 114 -10.54 8.08 30.55
C TYR A 114 -11.07 7.81 29.14
N PHE A 115 -12.36 7.54 29.06
CA PHE A 115 -13.09 7.59 27.80
C PHE A 115 -14.49 8.16 28.04
N PHE A 116 -15.05 8.71 26.98
CA PHE A 116 -16.34 9.40 27.03
C PHE A 116 -16.87 9.48 25.61
N TYR A 117 -18.20 9.48 25.48
CA TYR A 117 -18.91 9.61 24.21
C TYR A 117 -19.26 11.10 24.01
N SER A 118 -19.34 11.52 22.75
CA SER A 118 -19.65 12.90 22.34
C SER A 118 -20.17 12.86 20.92
N SER A 119 -20.74 13.99 20.48
CA SER A 119 -21.01 14.26 19.09
C SER A 119 -19.74 14.87 18.47
N GLY A 120 -19.78 15.17 17.18
CA GLY A 120 -18.63 15.79 16.51
C GLY A 120 -18.97 16.25 15.09
N GLU A 121 -17.98 16.13 14.19
CA GLU A 121 -18.06 16.65 12.83
C GLU A 121 -19.35 16.19 12.13
N LYS A 122 -19.49 14.88 11.86
CA LYS A 122 -20.58 14.38 11.01
C LYS A 122 -21.91 14.35 11.79
N LYS A 123 -22.99 14.70 11.08
CA LYS A 123 -24.31 14.85 11.67
C LYS A 123 -24.80 13.49 12.13
N ASP A 124 -25.41 13.44 13.33
CA ASP A 124 -26.14 12.27 13.81
C ASP A 124 -25.20 11.12 14.18
N GLU A 125 -23.92 11.41 14.42
CA GLU A 125 -22.96 10.34 14.78
C GLU A 125 -22.54 10.48 16.25
N VAL A 126 -22.31 9.34 16.89
CA VAL A 126 -21.71 9.30 18.20
C VAL A 126 -20.24 8.90 18.05
N TYR A 127 -19.38 9.67 18.72
CA TYR A 127 -17.93 9.50 18.73
C TYR A 127 -17.44 8.95 20.08
N LEU A 128 -16.49 8.03 20.03
CA LEU A 128 -15.79 7.59 21.22
C LEU A 128 -14.52 8.41 21.37
N ASN A 129 -14.30 8.97 22.57
CA ASN A 129 -13.09 9.72 22.90
C ASN A 129 -12.24 8.94 23.90
N LEU A 130 -11.02 8.61 23.48
CA LEU A 130 -10.05 7.92 24.32
C LEU A 130 -9.02 8.94 24.79
N VAL A 131 -8.98 9.15 26.11
CA VAL A 131 -8.05 10.06 26.77
C VAL A 131 -6.82 9.23 27.20
N LEU A 132 -5.71 9.43 26.47
CA LEU A 132 -4.45 8.72 26.61
C LEU A 132 -3.40 9.63 27.22
N ASP A 133 -2.49 9.03 28.01
CA ASP A 133 -1.26 9.69 28.44
C ASP A 133 -0.54 10.25 27.22
N TYR A 134 -0.10 11.50 27.30
CA TYR A 134 0.67 12.13 26.22
C TYR A 134 2.09 11.58 26.26
N VAL A 135 2.66 11.38 25.09
CA VAL A 135 4.04 10.97 24.94
C VAL A 135 4.61 11.86 23.85
N PRO A 136 5.78 12.49 24.09
CA PRO A 136 6.28 13.56 23.24
C PRO A 136 6.79 13.18 21.83
N GLU A 137 7.25 11.93 21.65
CA GLU A 137 7.80 11.53 20.35
C GLU A 137 7.20 10.20 19.87
N THR A 138 7.50 9.86 18.61
CA THR A 138 7.27 8.55 17.98
C THR A 138 8.57 8.05 17.34
N VAL A 139 8.65 6.73 17.15
CA VAL A 139 9.77 6.13 16.49
C VAL A 139 9.83 6.68 15.06
N TYR A 140 8.68 6.91 14.42
CA TYR A 140 8.67 7.44 13.06
C TYR A 140 9.46 8.75 12.99
N ARG A 141 9.18 9.65 13.94
CA ARG A 141 9.68 11.03 13.93
C ARG A 141 11.18 11.06 14.29
N VAL A 142 11.58 10.24 15.26
CA VAL A 142 12.99 10.16 15.65
C VAL A 142 13.80 9.58 14.49
N ALA A 143 13.25 8.57 13.82
CA ALA A 143 13.95 7.86 12.77
C ALA A 143 14.12 8.81 11.59
N ARG A 144 13.09 9.60 11.31
CA ARG A 144 13.16 10.64 10.27
C ARG A 144 14.10 11.80 10.67
N HIS A 145 14.32 12.03 11.97
CA HIS A 145 15.25 13.07 12.40
C HIS A 145 16.67 12.65 12.01
N TYR A 146 17.05 11.42 12.35
CA TYR A 146 18.41 10.95 12.08
C TYR A 146 18.62 10.78 10.56
N SER A 147 17.56 10.45 9.83
CA SER A 147 17.66 10.23 8.38
C SER A 147 17.98 11.55 7.66
N ARG A 148 17.49 12.68 8.18
CA ARG A 148 17.74 13.99 7.59
C ARG A 148 19.13 14.50 7.98
N ALA A 149 19.72 13.94 9.05
CA ALA A 149 21.09 14.29 9.51
C ALA A 149 22.13 13.35 8.86
N LYS A 150 21.67 12.49 7.92
CA LYS A 150 22.47 11.48 7.25
C LYS A 150 23.07 10.51 8.28
N GLN A 151 22.34 10.27 9.38
CA GLN A 151 22.81 9.43 10.48
C GLN A 151 21.83 8.29 10.73
N THR A 152 22.22 7.36 11.59
CA THR A 152 21.36 6.31 12.07
C THR A 152 21.28 6.39 13.59
N LEU A 153 20.14 5.97 14.13
CA LEU A 153 19.92 5.87 15.55
C LEU A 153 21.06 5.07 16.16
N PRO A 154 21.70 5.57 17.24
CA PRO A 154 22.63 4.76 18.00
C PRO A 154 22.00 3.43 18.44
N VAL A 155 22.85 2.41 18.46
CA VAL A 155 22.45 1.05 18.54
C VAL A 155 21.82 0.79 19.91
N ILE A 156 22.36 1.42 20.96
CA ILE A 156 21.79 1.25 22.30
C ILE A 156 20.29 1.64 22.29
N TYR A 157 19.91 2.67 21.53
CA TYR A 157 18.52 3.08 21.48
C TYR A 157 17.71 2.02 20.72
N VAL A 158 18.32 1.42 19.71
CA VAL A 158 17.64 0.40 18.90
C VAL A 158 17.39 -0.83 19.76
N LYS A 159 18.33 -1.19 20.64
CA LYS A 159 18.11 -2.30 21.53
C LYS A 159 16.97 -1.98 22.48
N LEU A 160 17.02 -0.80 23.10
CA LEU A 160 16.05 -0.37 24.09
C LEU A 160 14.62 -0.40 23.53
N TYR A 161 14.40 0.32 22.42
CA TYR A 161 13.09 0.49 21.81
C TYR A 161 12.56 -0.87 21.31
N MET A 162 13.38 -1.61 20.56
CA MET A 162 12.96 -2.89 20.01
C MET A 162 12.69 -3.88 21.14
N TYR A 163 13.49 -3.81 22.21
CA TYR A 163 13.29 -4.69 23.34
C TYR A 163 11.91 -4.47 23.90
N GLN A 164 11.53 -3.19 24.08
CA GLN A 164 10.29 -2.78 24.75
C GLN A 164 9.08 -3.08 23.84
N LEU A 165 9.25 -2.92 22.52
CA LEU A 165 8.23 -3.33 21.58
C LEU A 165 7.94 -4.82 21.74
N PHE A 166 8.99 -5.65 21.85
CA PHE A 166 8.81 -7.09 21.93
C PHE A 166 8.13 -7.49 23.23
N ARG A 167 8.45 -6.77 24.28
CA ARG A 167 7.85 -7.01 25.58
C ARG A 167 6.36 -6.67 25.52
N SER A 168 6.03 -5.57 24.81
CA SER A 168 4.64 -5.15 24.67
C SER A 168 3.88 -6.20 23.86
N LEU A 169 4.54 -6.78 22.84
CA LEU A 169 3.89 -7.80 22.00
C LEU A 169 3.74 -9.09 22.82
N ALA A 170 4.73 -9.41 23.64
CA ALA A 170 4.60 -10.62 24.46
C ALA A 170 3.34 -10.50 25.33
N TYR A 171 3.12 -9.30 25.85
CA TYR A 171 2.04 -9.04 26.75
C TYR A 171 0.69 -9.26 26.05
N ILE A 172 0.49 -8.56 24.93
CA ILE A 172 -0.80 -8.62 24.28
C ILE A 172 -1.03 -10.02 23.69
N HIS A 173 0.01 -10.62 23.08
CA HIS A 173 -0.06 -11.99 22.53
C HIS A 173 -0.46 -13.01 23.61
N SER A 174 -0.09 -12.80 24.88
CA SER A 174 -0.40 -13.76 25.97
C SER A 174 -1.91 -13.86 26.20
N PHE A 175 -2.65 -12.81 25.82
CA PHE A 175 -4.12 -12.78 25.84
C PHE A 175 -4.73 -13.19 24.49
N GLY A 176 -3.91 -13.65 23.53
CA GLY A 176 -4.36 -13.98 22.15
C GLY A 176 -4.65 -12.74 21.30
N ILE A 177 -4.21 -11.56 21.74
CA ILE A 177 -4.46 -10.31 21.06
C ILE A 177 -3.29 -9.95 20.13
N CYS A 178 -3.62 -9.76 18.85
CA CYS A 178 -2.68 -9.37 17.82
C CYS A 178 -2.92 -7.90 17.44
N HIS A 179 -1.84 -7.13 17.36
CA HIS A 179 -2.00 -5.67 17.18
C HIS A 179 -2.49 -5.36 15.76
N ARG A 180 -1.80 -5.96 14.78
CA ARG A 180 -2.14 -5.98 13.34
C ARG A 180 -1.75 -4.70 12.60
N ASP A 181 -1.09 -3.74 13.25
CA ASP A 181 -0.69 -2.53 12.57
C ASP A 181 0.54 -1.94 13.24
N ILE A 182 1.55 -2.80 13.43
CA ILE A 182 2.80 -2.42 14.00
C ILE A 182 3.55 -1.61 12.94
N LYS A 183 3.92 -0.36 13.31
CA LYS A 183 4.68 0.52 12.42
C LYS A 183 5.24 1.68 13.24
N PRO A 184 6.26 2.40 12.71
CA PRO A 184 6.96 3.44 13.49
C PRO A 184 6.03 4.51 14.08
N GLN A 185 4.96 4.87 13.35
CA GLN A 185 4.01 5.89 13.79
C GLN A 185 3.26 5.45 15.05
N ASN A 186 3.18 4.13 15.32
CA ASN A 186 2.37 3.59 16.42
C ASN A 186 3.25 3.26 17.63
N LEU A 187 4.54 3.62 17.56
CA LEU A 187 5.51 3.38 18.60
C LEU A 187 5.91 4.72 19.21
N LEU A 188 5.41 4.97 20.42
CA LEU A 188 5.59 6.23 21.08
C LEU A 188 6.87 6.14 21.88
N LEU A 189 7.62 7.25 21.92
CA LEU A 189 8.89 7.39 22.63
C LEU A 189 8.81 8.59 23.57
N ASP A 190 9.30 8.41 24.78
CA ASP A 190 9.75 9.52 25.56
C ASP A 190 11.27 9.57 25.47
N PRO A 191 11.86 10.53 24.73
CA PRO A 191 13.31 10.53 24.47
C PRO A 191 14.14 10.63 25.76
N ASP A 192 13.70 11.47 26.69
CA ASP A 192 14.41 11.72 27.95
C ASP A 192 14.60 10.39 28.70
N THR A 193 13.53 9.58 28.84
CA THR A 193 13.54 8.30 29.63
C THR A 193 13.87 7.07 28.77
N ALA A 194 13.84 7.23 27.44
CA ALA A 194 14.01 6.14 26.47
C ALA A 194 12.97 5.03 26.66
N VAL A 195 11.78 5.41 27.16
CA VAL A 195 10.68 4.50 27.28
C VAL A 195 9.88 4.52 25.98
N LEU A 196 9.45 3.33 25.54
CA LEU A 196 8.59 3.14 24.36
C LEU A 196 7.23 2.62 24.83
N LYS A 197 6.16 3.15 24.22
CA LYS A 197 4.81 2.67 24.46
C LYS A 197 4.12 2.40 23.12
N LEU A 198 3.47 1.24 23.08
CA LEU A 198 2.71 0.79 21.97
C LEU A 198 1.36 1.50 21.96
N CYS A 199 1.01 2.39 20.75
CA CYS A 199 -0.33 2.90 20.70
C CYS A 199 -1.12 2.03 19.66
N ASP A 200 -2.56 2.55 19.39
CA ASP A 200 -3.47 2.17 18.36
C ASP A 200 -3.83 0.68 18.50
N PHE A 201 -4.95 0.43 19.19
CA PHE A 201 -5.61 -0.84 19.20
C PHE A 201 -6.88 -0.79 18.34
N GLY A 202 -6.92 0.15 17.38
CA GLY A 202 -8.00 0.25 16.37
C GLY A 202 -8.05 -0.94 15.40
N SER A 203 -6.92 -1.63 15.17
CA SER A 203 -6.90 -2.81 14.29
C SER A 203 -6.82 -4.10 15.13
N ALA A 204 -6.58 -3.95 16.44
CA ALA A 204 -6.24 -5.08 17.26
C ALA A 204 -7.44 -6.01 17.34
N LYS A 205 -7.16 -7.31 17.46
CA LYS A 205 -8.16 -8.32 17.53
C LYS A 205 -7.61 -9.55 18.24
N GLN A 206 -8.44 -10.16 19.09
CA GLN A 206 -8.17 -11.46 19.64
C GLN A 206 -8.41 -12.52 18.55
N LEU A 207 -7.32 -13.20 18.15
CA LEU A 207 -7.37 -14.16 17.07
C LEU A 207 -7.82 -15.52 17.62
N VAL A 208 -8.73 -16.17 16.89
CA VAL A 208 -9.22 -17.48 17.28
C VAL A 208 -9.12 -18.42 16.08
N ARG A 209 -8.43 -19.54 16.28
CA ARG A 209 -8.21 -20.56 15.25
C ARG A 209 -9.56 -21.03 14.74
N GLY A 210 -9.68 -21.12 13.41
CA GLY A 210 -10.91 -21.51 12.75
C GLY A 210 -11.84 -20.33 12.49
N GLU A 211 -11.57 -19.17 13.10
CA GLU A 211 -12.37 -17.98 12.84
C GLU A 211 -11.58 -17.03 11.94
N PRO A 212 -12.03 -16.79 10.69
CA PRO A 212 -11.29 -15.96 9.74
C PRO A 212 -11.14 -14.49 10.19
N ASN A 213 -10.12 -13.84 9.63
CA ASN A 213 -9.77 -12.47 9.90
C ASN A 213 -9.51 -11.76 8.57
N VAL A 214 -9.91 -10.48 8.51
CA VAL A 214 -9.71 -9.72 7.30
C VAL A 214 -8.20 -9.68 7.00
N SER A 215 -7.86 -9.78 5.71
CA SER A 215 -6.47 -9.85 5.29
C SER A 215 -5.89 -8.44 5.09
N TYR A 216 -6.75 -7.40 5.04
CA TYR A 216 -6.41 -6.06 4.55
C TYR A 216 -5.98 -5.10 5.66
N ILE A 217 -5.69 -5.60 6.86
CA ILE A 217 -5.02 -4.76 7.88
C ILE A 217 -3.52 -4.64 7.61
N CYS A 218 -2.88 -3.74 8.37
CA CYS A 218 -1.44 -3.52 8.42
C CYS A 218 -1.04 -2.59 7.28
N SER A 219 -0.07 -1.72 7.55
CA SER A 219 0.32 -0.65 6.65
C SER A 219 1.44 -1.12 5.71
N ARG A 220 1.36 -0.64 4.46
CA ARG A 220 2.18 -1.05 3.32
C ARG A 220 3.43 -1.87 3.71
N TYR A 221 4.44 -1.16 4.22
CA TYR A 221 5.80 -1.68 4.32
C TYR A 221 5.93 -2.72 5.42
N TYR A 222 4.94 -2.84 6.33
CA TYR A 222 5.12 -3.61 7.57
C TYR A 222 4.32 -4.93 7.52
N ARG A 223 3.71 -5.21 6.37
CA ARG A 223 2.81 -6.31 6.18
C ARG A 223 3.59 -7.60 5.93
N ALA A 224 3.19 -8.64 6.66
CA ALA A 224 3.73 -9.97 6.52
C ALA A 224 3.37 -10.51 5.15
N PRO A 225 4.20 -11.40 4.56
CA PRO A 225 3.90 -12.00 3.28
C PRO A 225 2.53 -12.70 3.27
N GLU A 226 2.15 -13.31 4.39
CA GLU A 226 0.86 -14.01 4.42
C GLU A 226 -0.24 -12.99 4.16
N LEU A 227 -0.03 -11.74 4.63
CA LEU A 227 -1.03 -10.70 4.44
C LEU A 227 -0.98 -10.20 3.00
N ILE A 228 0.22 -10.07 2.44
CA ILE A 228 0.35 -9.67 1.03
C ILE A 228 -0.46 -10.67 0.18
N PHE A 229 -0.42 -11.94 0.58
CA PHE A 229 -1.08 -13.05 -0.08
C PHE A 229 -2.57 -13.15 0.23
N GLY A 230 -3.10 -12.29 1.10
CA GLY A 230 -4.56 -12.22 1.36
C GLY A 230 -5.07 -13.35 2.25
N ALA A 231 -4.18 -13.96 3.04
CA ALA A 231 -4.52 -14.97 4.04
C ALA A 231 -5.53 -14.40 5.04
N THR A 232 -6.46 -15.25 5.49
CA THR A 232 -7.42 -14.87 6.54
C THR A 232 -7.24 -15.71 7.80
N ASP A 233 -6.32 -16.69 7.76
CA ASP A 233 -6.05 -17.65 8.85
C ASP A 233 -4.65 -17.40 9.44
N TYR A 234 -4.18 -16.16 9.41
CA TYR A 234 -2.87 -15.76 9.93
C TYR A 234 -2.89 -15.71 11.45
N THR A 235 -1.71 -15.53 12.05
CA THR A 235 -1.50 -15.58 13.46
C THR A 235 -0.84 -14.29 13.94
N SER A 236 -0.63 -14.24 15.25
CA SER A 236 0.04 -13.18 15.95
C SER A 236 1.45 -12.93 15.43
N SER A 237 2.05 -13.88 14.73
CA SER A 237 3.41 -13.74 14.19
C SER A 237 3.49 -12.66 13.10
N ILE A 238 2.34 -12.22 12.55
CA ILE A 238 2.33 -11.07 11.68
C ILE A 238 2.90 -9.84 12.41
N ASP A 239 2.71 -9.72 13.73
CA ASP A 239 3.29 -8.59 14.47
C ASP A 239 4.82 -8.74 14.56
N VAL A 240 5.30 -9.98 14.65
CA VAL A 240 6.71 -10.22 14.73
C VAL A 240 7.37 -9.75 13.43
N TRP A 241 6.78 -10.11 12.29
CA TRP A 241 7.26 -9.65 10.99
C TRP A 241 7.33 -8.13 10.94
N SER A 242 6.24 -7.47 11.35
CA SER A 242 6.11 -6.03 11.34
C SER A 242 7.27 -5.44 12.16
N ALA A 243 7.47 -6.03 13.34
CA ALA A 243 8.52 -5.61 14.28
C ALA A 243 9.91 -5.80 13.65
N GLY A 244 10.09 -6.90 12.93
CA GLY A 244 11.33 -7.14 12.21
C GLY A 244 11.60 -6.09 11.16
N CYS A 245 10.55 -5.65 10.47
CA CYS A 245 10.66 -4.60 9.47
C CYS A 245 11.09 -3.28 10.12
N VAL A 246 10.62 -3.05 11.35
CA VAL A 246 10.90 -1.80 12.01
C VAL A 246 12.38 -1.77 12.42
N LEU A 247 12.84 -2.85 13.07
CA LEU A 247 14.24 -3.03 13.46
C LEU A 247 15.17 -2.85 12.24
N ALA A 248 14.88 -3.58 11.17
CA ALA A 248 15.68 -3.49 9.94
C ALA A 248 15.74 -2.03 9.45
N GLU A 249 14.59 -1.34 9.52
CA GLU A 249 14.46 0.03 9.07
C GLU A 249 15.27 0.98 9.96
N LEU A 250 15.35 0.73 11.26
CA LEU A 250 16.13 1.61 12.15
C LEU A 250 17.63 1.42 11.88
N LEU A 251 18.03 0.15 11.61
CA LEU A 251 19.41 -0.24 11.27
C LEU A 251 19.84 0.39 9.93
N LEU A 252 18.91 0.41 8.97
CA LEU A 252 19.18 0.78 7.58
C LEU A 252 19.11 2.29 7.33
N GLY A 253 18.21 2.99 8.05
CA GLY A 253 17.88 4.39 7.82
C GLY A 253 16.74 4.57 6.81
N GLN A 254 16.22 3.45 6.30
CA GLN A 254 15.08 3.47 5.36
C GLN A 254 14.30 2.15 5.45
N PRO A 255 13.03 2.11 4.98
CA PRO A 255 12.28 0.86 4.95
C PRO A 255 12.99 -0.20 4.10
N ILE A 256 12.93 -1.45 4.55
CA ILE A 256 13.65 -2.55 3.92
C ILE A 256 12.83 -3.09 2.75
N PHE A 257 11.50 -3.07 2.88
CA PHE A 257 10.58 -3.62 1.88
C PHE A 257 9.59 -2.56 1.42
N PRO A 258 10.06 -1.49 0.76
CA PRO A 258 9.14 -0.48 0.21
C PRO A 258 8.49 -0.94 -1.11
N GLY A 259 7.37 -0.29 -1.46
CA GLY A 259 6.68 -0.51 -2.73
C GLY A 259 5.23 -0.05 -2.64
N ASP A 260 4.70 0.39 -3.78
CA ASP A 260 3.37 0.94 -3.87
C ASP A 260 2.35 -0.16 -4.16
N SER A 261 2.83 -1.33 -4.59
CA SER A 261 1.99 -2.47 -4.75
C SER A 261 2.56 -3.65 -3.96
N GLY A 262 1.70 -4.63 -3.71
CA GLY A 262 2.08 -5.92 -3.18
C GLY A 262 3.21 -6.57 -3.98
N VAL A 263 3.12 -6.56 -5.31
CA VAL A 263 4.16 -7.10 -6.19
C VAL A 263 5.52 -6.53 -5.78
N ASP A 264 5.57 -5.19 -5.70
CA ASP A 264 6.81 -4.48 -5.52
C ASP A 264 7.41 -4.83 -4.15
N GLN A 265 6.55 -4.93 -3.14
CA GLN A 265 6.98 -5.31 -1.79
C GLN A 265 7.56 -6.74 -1.85
N LEU A 266 6.84 -7.67 -2.47
CA LEU A 266 7.27 -9.07 -2.58
C LEU A 266 8.67 -9.17 -3.20
N VAL A 267 8.91 -8.41 -4.25
CA VAL A 267 10.17 -8.40 -4.96
C VAL A 267 11.29 -7.97 -4.01
N GLU A 268 11.03 -6.92 -3.21
CA GLU A 268 12.02 -6.47 -2.28
C GLU A 268 12.25 -7.54 -1.21
N ILE A 269 11.19 -8.28 -0.84
CA ILE A 269 11.30 -9.36 0.13
C ILE A 269 12.11 -10.51 -0.49
N ILE A 270 11.80 -10.87 -1.73
CA ILE A 270 12.46 -12.00 -2.38
C ILE A 270 13.96 -11.68 -2.58
N LYS A 271 14.28 -10.41 -2.85
CA LYS A 271 15.66 -9.95 -3.06
C LYS A 271 16.51 -10.25 -1.82
N VAL A 272 15.94 -10.10 -0.62
CA VAL A 272 16.66 -10.35 0.62
C VAL A 272 16.54 -11.81 1.03
N LEU A 273 15.32 -12.38 1.02
CA LEU A 273 15.08 -13.69 1.65
C LEU A 273 15.34 -14.83 0.64
N GLY A 274 15.28 -14.49 -0.65
CA GLY A 274 15.27 -15.49 -1.69
C GLY A 274 13.86 -15.99 -1.98
N THR A 275 13.76 -16.77 -3.04
CA THR A 275 12.49 -17.26 -3.49
C THR A 275 11.93 -18.15 -2.39
N PRO A 276 10.63 -18.03 -2.06
CA PRO A 276 10.02 -18.94 -1.09
C PRO A 276 9.77 -20.30 -1.74
N THR A 277 10.13 -21.38 -1.03
CA THR A 277 9.82 -22.73 -1.44
C THR A 277 8.30 -22.90 -1.42
N ARG A 278 7.84 -24.01 -1.99
CA ARG A 278 6.41 -24.33 -2.03
C ARG A 278 5.91 -24.67 -0.62
N GLU A 279 6.80 -25.25 0.20
CA GLU A 279 6.46 -25.61 1.57
C GLU A 279 6.19 -24.32 2.36
N GLN A 280 7.08 -23.34 2.15
CA GLN A 280 7.01 -22.04 2.82
C GLN A 280 5.69 -21.36 2.40
N ILE A 281 5.37 -21.41 1.10
CA ILE A 281 4.19 -20.74 0.57
C ILE A 281 2.92 -21.39 1.16
N ARG A 282 2.91 -22.70 1.28
CA ARG A 282 1.78 -23.40 1.80
C ARG A 282 1.51 -22.95 3.26
N GLU A 283 2.55 -22.60 3.99
CA GLU A 283 2.40 -22.15 5.38
C GLU A 283 1.91 -20.69 5.46
N MET A 284 2.21 -19.87 4.45
CA MET A 284 1.78 -18.48 4.36
C MET A 284 0.34 -18.39 3.84
N ASN A 285 0.06 -18.96 2.66
CA ASN A 285 -1.29 -19.08 2.08
C ASN A 285 -1.32 -20.25 1.10
N PRO A 286 -1.95 -21.40 1.47
CA PRO A 286 -1.90 -22.59 0.63
C PRO A 286 -2.51 -22.35 -0.76
N ASN A 287 -3.34 -21.32 -0.90
CA ASN A 287 -3.95 -21.00 -2.19
C ASN A 287 -2.89 -20.64 -3.22
N TYR A 288 -1.68 -20.30 -2.76
CA TYR A 288 -0.64 -19.64 -3.59
C TYR A 288 0.52 -20.57 -3.98
N THR A 289 0.51 -21.84 -3.55
CA THR A 289 1.69 -22.70 -3.67
C THR A 289 2.05 -22.97 -5.14
N GLU A 290 1.07 -22.95 -6.04
CA GLU A 290 1.33 -23.34 -7.45
C GLU A 290 1.64 -22.12 -8.33
N PHE A 291 1.66 -20.92 -7.75
CA PHE A 291 2.08 -19.74 -8.49
C PHE A 291 3.60 -19.77 -8.70
N LYS A 292 4.05 -19.20 -9.83
CA LYS A 292 5.46 -19.06 -10.16
C LYS A 292 5.96 -17.77 -9.50
N PHE A 293 7.14 -17.81 -8.89
CA PHE A 293 7.71 -16.65 -8.25
C PHE A 293 9.04 -16.31 -8.91
N PRO A 294 9.45 -15.02 -8.87
CA PRO A 294 10.74 -14.62 -9.38
C PRO A 294 11.79 -15.54 -8.73
N GLN A 295 12.71 -16.08 -9.55
CA GLN A 295 13.78 -16.98 -9.10
C GLN A 295 15.02 -16.13 -8.78
N ILE A 296 15.28 -15.97 -7.48
CA ILE A 296 16.41 -15.18 -6.99
C ILE A 296 17.04 -15.92 -5.81
N LYS A 297 18.36 -15.83 -5.72
CA LYS A 297 19.15 -16.40 -4.63
C LYS A 297 19.16 -15.38 -3.48
N ALA A 298 19.04 -15.88 -2.24
CA ALA A 298 19.04 -15.07 -1.01
C ALA A 298 20.30 -14.18 -0.95
N HIS A 299 20.08 -12.86 -0.94
CA HIS A 299 21.17 -11.86 -0.79
C HIS A 299 21.65 -11.85 0.67
N PRO A 300 22.89 -12.31 0.96
CA PRO A 300 23.29 -12.61 2.35
C PRO A 300 23.08 -11.40 3.26
N TRP A 301 22.69 -11.68 4.51
CA TRP A 301 22.17 -10.65 5.37
C TRP A 301 23.25 -9.60 5.69
N THR A 302 24.52 -10.02 5.81
CA THR A 302 25.62 -9.12 6.20
C THR A 302 25.79 -7.94 5.23
N LYS A 303 25.41 -8.11 3.96
CA LYS A 303 25.54 -7.09 2.93
C LYS A 303 24.26 -6.26 2.74
N VAL A 304 23.15 -6.68 3.35
CA VAL A 304 21.92 -5.87 3.39
C VAL A 304 22.20 -4.59 4.21
N PHE A 305 22.87 -4.78 5.34
CA PHE A 305 23.04 -3.71 6.34
C PHE A 305 24.40 -3.04 6.18
N ARG A 306 24.55 -1.89 6.84
CA ARG A 306 25.77 -1.09 6.90
C ARG A 306 26.89 -1.92 7.52
N PRO A 307 28.18 -1.62 7.20
CA PRO A 307 29.30 -2.30 7.85
C PRO A 307 29.31 -2.29 9.40
N ARG A 308 28.88 -1.20 10.03
CA ARG A 308 28.95 -1.10 11.50
C ARG A 308 27.75 -1.78 12.17
N THR A 309 26.80 -2.28 11.40
CA THR A 309 25.67 -2.99 11.97
C THR A 309 26.16 -4.18 12.80
N PRO A 310 25.77 -4.30 14.08
CA PRO A 310 26.20 -5.44 14.89
C PRO A 310 25.68 -6.77 14.35
N PRO A 311 26.51 -7.83 14.25
CA PRO A 311 26.06 -9.11 13.70
C PRO A 311 24.88 -9.79 14.44
N GLU A 312 24.78 -9.54 15.75
CA GLU A 312 23.63 -10.05 16.53
C GLU A 312 22.31 -9.42 16.02
N ALA A 313 22.36 -8.15 15.65
CA ALA A 313 21.18 -7.47 15.13
C ALA A 313 20.74 -8.16 13.83
N ILE A 314 21.72 -8.49 12.98
CA ILE A 314 21.49 -9.11 11.71
C ILE A 314 20.90 -10.50 11.96
N ALA A 315 21.45 -11.24 12.91
CA ALA A 315 20.91 -12.54 13.27
C ALA A 315 19.43 -12.40 13.69
N LEU A 316 19.15 -11.44 14.58
CA LEU A 316 17.79 -11.24 15.07
C LEU A 316 16.85 -10.91 13.89
N CYS A 317 17.27 -10.04 12.97
CA CYS A 317 16.42 -9.71 11.82
C CYS A 317 16.02 -10.98 11.05
N SER A 318 17.00 -11.89 10.88
CA SER A 318 16.85 -13.08 10.04
C SER A 318 15.86 -14.03 10.68
N ARG A 319 15.77 -13.99 12.02
CA ARG A 319 14.90 -14.91 12.76
C ARG A 319 13.51 -14.30 12.96
N LEU A 320 13.34 -13.02 12.56
CA LEU A 320 12.03 -12.32 12.59
C LEU A 320 11.38 -12.34 11.20
N LEU A 321 12.22 -12.08 10.19
CA LEU A 321 11.81 -11.93 8.79
C LEU A 321 11.99 -13.28 8.09
N GLU A 322 11.25 -14.27 8.60
CA GLU A 322 11.14 -15.59 8.04
C GLU A 322 9.82 -15.67 7.27
N TYR A 323 9.84 -16.32 6.10
CA TYR A 323 8.59 -16.62 5.37
C TYR A 323 7.62 -17.40 6.27
N THR A 324 8.03 -18.58 6.74
CA THR A 324 7.18 -19.53 7.48
C THR A 324 6.77 -18.92 8.82
N PRO A 325 5.48 -18.59 9.04
CA PRO A 325 5.07 -17.88 10.26
C PRO A 325 5.52 -18.53 11.58
N THR A 326 5.52 -19.85 11.66
CA THR A 326 5.80 -20.46 12.94
C THR A 326 7.30 -20.63 13.14
N ALA A 327 8.10 -20.38 12.10
CA ALA A 327 9.56 -20.34 12.18
C ALA A 327 10.05 -19.03 12.81
N ARG A 328 9.19 -18.01 12.85
CA ARG A 328 9.59 -16.69 13.42
C ARG A 328 9.67 -16.81 14.96
N LEU A 329 10.67 -16.14 15.55
CA LEU A 329 10.76 -15.98 17.00
C LEU A 329 9.40 -15.49 17.51
N THR A 330 9.00 -15.94 18.70
CA THR A 330 7.93 -15.27 19.46
C THR A 330 8.50 -13.98 20.06
N PRO A 331 7.64 -13.02 20.43
CA PRO A 331 8.11 -11.79 21.08
C PRO A 331 8.99 -12.05 22.31
N LEU A 332 8.62 -13.05 23.12
CA LEU A 332 9.34 -13.34 24.34
C LEU A 332 10.71 -13.94 23.98
N GLU A 333 10.74 -14.85 23.01
CA GLU A 333 12.02 -15.39 22.53
C GLU A 333 12.88 -14.24 21.97
N ALA A 334 12.25 -13.30 21.25
CA ALA A 334 12.96 -12.13 20.69
C ALA A 334 13.59 -11.31 21.83
N CYS A 335 12.85 -11.11 22.91
CA CYS A 335 13.32 -10.40 24.10
C CYS A 335 14.62 -11.04 24.62
N ALA A 336 14.67 -12.39 24.60
CA ALA A 336 15.77 -13.18 25.14
C ALA A 336 16.95 -13.32 24.16
N HIS A 337 16.85 -12.74 22.95
CA HIS A 337 17.91 -12.82 21.94
C HIS A 337 19.17 -12.06 22.38
N SER A 338 20.32 -12.54 21.88
CA SER A 338 21.64 -12.06 22.27
C SER A 338 21.84 -10.58 21.93
N PHE A 339 21.14 -10.06 20.94
CA PHE A 339 21.19 -8.64 20.62
C PHE A 339 20.91 -7.78 21.85
N PHE A 340 20.05 -8.27 22.76
CA PHE A 340 19.58 -7.47 23.91
C PHE A 340 20.40 -7.80 25.17
N ASP A 341 21.52 -8.52 25.02
CA ASP A 341 22.41 -8.88 26.12
C ASP A 341 22.90 -7.61 26.82
N GLU A 342 23.29 -6.59 26.04
CA GLU A 342 23.80 -5.33 26.58
C GLU A 342 22.80 -4.75 27.58
N LEU A 343 21.49 -4.99 27.38
CA LEU A 343 20.47 -4.44 28.28
C LEU A 343 20.53 -5.13 29.65
N ARG A 344 20.90 -6.42 29.68
CA ARG A 344 20.93 -7.20 30.94
C ARG A 344 22.28 -7.06 31.67
N ASP A 345 23.24 -6.35 31.07
CA ASP A 345 24.54 -6.03 31.69
C ASP A 345 24.28 -5.05 32.84
N PRO A 346 24.59 -5.42 34.11
CA PRO A 346 24.26 -4.58 35.25
C PRO A 346 24.95 -3.20 35.21
N ASN A 347 26.01 -3.07 34.41
CA ASN A 347 26.80 -1.86 34.34
C ASN A 347 26.39 -1.03 33.12
N VAL A 348 25.28 -1.42 32.47
CA VAL A 348 24.73 -0.69 31.32
C VAL A 348 24.24 0.70 31.78
N LYS A 349 24.69 1.74 31.09
CA LYS A 349 24.12 3.10 31.23
C LYS A 349 23.68 3.62 29.85
N LEU A 350 22.72 4.55 29.84
CA LEU A 350 22.33 5.24 28.62
C LEU A 350 23.34 6.35 28.35
N PRO A 351 23.42 6.89 27.12
CA PRO A 351 24.30 8.02 26.83
C PRO A 351 24.04 9.23 27.74
N ASN A 352 22.76 9.59 27.90
CA ASN A 352 22.35 10.78 28.64
C ASN A 352 22.77 10.68 30.11
N GLY A 353 23.32 9.54 30.52
CA GLY A 353 23.77 9.29 31.88
C GLY A 353 22.76 8.48 32.68
N ARG A 354 21.46 8.71 32.41
CA ARG A 354 20.35 8.13 33.18
C ARG A 354 20.40 6.60 33.13
N ASP A 355 19.83 5.96 34.15
CA ASP A 355 19.71 4.51 34.22
C ASP A 355 18.65 4.06 33.20
N THR A 356 18.62 2.73 32.98
CA THR A 356 17.66 2.11 32.09
C THR A 356 16.28 2.09 32.75
N PRO A 357 15.20 2.19 31.94
CA PRO A 357 13.84 2.05 32.45
C PRO A 357 13.67 0.62 32.97
N ALA A 358 12.46 0.30 33.43
CA ALA A 358 12.13 -1.03 33.84
C ALA A 358 12.14 -1.94 32.60
N LEU A 359 12.98 -2.99 32.64
CA LEU A 359 13.13 -3.97 31.54
C LEU A 359 12.86 -5.39 32.06
N PHE A 360 12.86 -5.58 33.38
CA PHE A 360 13.05 -6.90 33.98
C PHE A 360 11.92 -7.28 34.95
N ASN A 361 10.98 -6.36 35.23
CA ASN A 361 9.82 -6.62 36.10
C ASN A 361 8.74 -7.41 35.34
N PHE A 362 9.06 -8.65 34.93
CA PHE A 362 8.14 -9.45 34.15
C PHE A 362 7.11 -10.09 35.08
N THR A 363 5.84 -10.10 34.66
CA THR A 363 4.74 -10.75 35.37
C THR A 363 4.66 -12.22 34.91
N THR A 364 3.92 -13.04 35.66
CA THR A 364 3.63 -14.40 35.24
C THR A 364 2.90 -14.38 33.89
N GLN A 365 2.00 -13.40 33.71
CA GLN A 365 1.22 -13.26 32.49
C GLN A 365 2.20 -13.13 31.30
N GLU A 366 3.10 -12.15 31.38
CA GLU A 366 4.15 -11.89 30.38
C GLU A 366 4.94 -13.17 30.02
N LEU A 367 5.28 -13.98 31.03
CA LEU A 367 6.15 -15.14 30.83
C LEU A 367 5.37 -16.39 30.39
N SER A 368 4.03 -16.32 30.37
CA SER A 368 3.19 -17.52 30.32
C SER A 368 3.46 -18.39 29.09
N SER A 369 3.86 -17.79 27.97
CA SER A 369 4.15 -18.54 26.73
C SER A 369 5.35 -19.48 26.90
N ASN A 370 6.31 -19.13 27.77
CA ASN A 370 7.54 -19.92 28.01
C ASN A 370 8.15 -19.48 29.34
N PRO A 371 7.60 -19.93 30.50
CA PRO A 371 8.12 -19.54 31.81
C PRO A 371 9.62 -19.72 31.98
N PRO A 372 10.25 -20.86 31.54
CA PRO A 372 11.68 -21.09 31.77
C PRO A 372 12.62 -20.04 31.15
N LEU A 373 12.09 -19.17 30.30
CA LEU A 373 12.84 -18.12 29.61
C LEU A 373 13.20 -17.00 30.61
N ALA A 374 12.50 -16.99 31.75
CA ALA A 374 12.75 -16.05 32.85
C ALA A 374 14.21 -16.12 33.31
N THR A 375 14.85 -17.28 33.18
CA THR A 375 16.22 -17.45 33.65
C THR A 375 17.18 -16.56 32.84
N ILE A 376 16.87 -16.34 31.55
CA ILE A 376 17.63 -15.40 30.73
C ILE A 376 17.12 -13.96 30.94
N LEU A 377 15.79 -13.80 30.94
CA LEU A 377 15.17 -12.49 30.80
C LEU A 377 15.29 -11.68 32.07
N ILE A 378 15.24 -12.36 33.23
CA ILE A 378 15.44 -11.73 34.52
C ILE A 378 16.84 -12.07 34.99
N PRO A 379 17.83 -11.17 34.77
CA PRO A 379 19.24 -11.46 35.07
C PRO A 379 19.49 -11.47 36.58
N PRO A 380 20.59 -12.09 37.06
CA PRO A 380 20.82 -12.30 38.49
C PRO A 380 20.66 -11.00 39.29
N HIS A 381 21.19 -9.92 38.72
CA HIS A 381 21.24 -8.66 39.44
C HIS A 381 19.85 -8.01 39.59
N ALA A 382 18.75 -8.77 39.41
CA ALA A 382 17.40 -8.16 39.45
C ALA A 382 16.37 -9.10 40.10
N ARG A 383 16.80 -10.10 40.86
CA ARG A 383 15.88 -11.13 41.33
C ARG A 383 15.58 -10.95 42.83
N LYS B 36 29.48 6.65 -24.59
CA LYS B 36 28.68 7.76 -25.18
C LYS B 36 27.78 7.22 -26.29
N VAL B 37 28.35 6.46 -27.24
CA VAL B 37 27.60 5.63 -28.20
C VAL B 37 27.65 4.16 -27.70
N THR B 38 26.47 3.56 -27.49
CA THR B 38 26.35 2.17 -27.05
C THR B 38 25.77 1.35 -28.23
N THR B 39 26.40 0.22 -28.52
CA THR B 39 26.00 -0.68 -29.58
C THR B 39 25.65 -2.03 -28.95
N VAL B 40 24.44 -2.52 -29.27
CA VAL B 40 23.91 -3.77 -28.72
C VAL B 40 23.39 -4.61 -29.90
N VAL B 41 23.15 -5.89 -29.62
CA VAL B 41 22.50 -6.72 -30.58
C VAL B 41 21.09 -6.94 -30.06
N ALA B 42 20.10 -6.42 -30.81
CA ALA B 42 18.73 -6.41 -30.39
C ALA B 42 17.85 -7.02 -31.47
N THR B 43 16.72 -7.56 -31.03
CA THR B 43 15.70 -8.10 -31.89
C THR B 43 14.55 -7.09 -31.97
N PRO B 44 13.99 -6.83 -33.18
CA PRO B 44 12.81 -5.96 -33.30
C PRO B 44 11.61 -6.47 -32.50
N GLY B 45 10.81 -5.56 -31.96
CA GLY B 45 9.61 -5.92 -31.20
C GLY B 45 8.66 -6.77 -32.02
N GLN B 46 8.51 -6.39 -33.28
CA GLN B 46 7.64 -7.08 -34.21
C GLN B 46 8.44 -7.43 -35.46
N GLY B 47 8.00 -8.50 -36.12
CA GLY B 47 8.62 -8.96 -37.32
C GLY B 47 9.57 -10.10 -37.01
N PRO B 48 10.30 -10.60 -38.03
CA PRO B 48 11.16 -11.75 -37.84
C PRO B 48 12.12 -11.60 -36.64
N ASP B 49 12.36 -12.70 -35.93
CA ASP B 49 13.30 -12.83 -34.81
C ASP B 49 14.75 -12.68 -35.29
N ARG B 50 15.08 -11.55 -35.91
CA ARG B 50 16.34 -11.35 -36.65
C ARG B 50 17.24 -10.34 -35.92
N PRO B 51 18.14 -10.77 -35.00
CA PRO B 51 18.93 -9.83 -34.21
C PRO B 51 19.77 -8.94 -35.13
N GLN B 52 19.89 -7.66 -34.78
CA GLN B 52 20.61 -6.70 -35.58
C GLN B 52 21.36 -5.76 -34.63
N GLU B 53 22.39 -5.10 -35.16
CA GLU B 53 23.16 -4.14 -34.41
C GLU B 53 22.32 -2.87 -34.25
N VAL B 54 22.25 -2.37 -33.01
CA VAL B 54 21.52 -1.17 -32.71
C VAL B 54 22.39 -0.28 -31.82
N SER B 55 22.63 0.94 -32.33
CA SER B 55 23.47 1.91 -31.67
C SER B 55 22.60 3.05 -31.13
N TYR B 56 22.89 3.44 -29.88
CA TYR B 56 22.19 4.55 -29.27
C TYR B 56 23.14 5.41 -28.42
N THR B 57 22.66 6.60 -28.05
CA THR B 57 23.48 7.61 -27.37
C THR B 57 22.57 8.48 -26.47
N ASP B 58 23.14 9.52 -25.85
CA ASP B 58 22.46 10.52 -24.99
C ASP B 58 21.60 9.81 -23.94
N THR B 59 22.25 8.83 -23.29
CA THR B 59 21.67 7.91 -22.35
C THR B 59 21.55 8.61 -21.00
N LYS B 60 20.36 8.57 -20.40
CA LYS B 60 20.18 9.09 -19.04
C LYS B 60 19.03 8.37 -18.35
N VAL B 61 19.06 8.38 -17.00
CA VAL B 61 18.05 7.73 -16.15
C VAL B 61 16.84 8.67 -16.00
N ILE B 62 15.64 8.11 -16.18
CA ILE B 62 14.43 8.87 -16.01
C ILE B 62 13.49 8.16 -15.04
N GLY B 63 13.96 7.10 -14.37
CA GLY B 63 13.07 6.36 -13.50
C GLY B 63 13.77 5.23 -12.77
N ASN B 64 13.15 4.80 -11.67
CA ASN B 64 13.52 3.64 -10.90
C ASN B 64 12.27 2.81 -10.65
N GLY B 65 12.45 1.70 -9.94
CA GLY B 65 11.34 0.92 -9.43
C GLY B 65 11.82 -0.45 -9.00
N SER B 66 10.89 -1.23 -8.44
CA SER B 66 11.17 -2.62 -8.06
C SER B 66 11.71 -3.38 -9.28
N PHE B 67 11.08 -3.15 -10.44
CA PHE B 67 11.47 -3.79 -11.71
C PHE B 67 12.97 -3.59 -11.99
N GLY B 68 13.44 -2.35 -11.88
CA GLY B 68 14.80 -1.98 -12.25
C GLY B 68 14.88 -0.49 -12.53
N VAL B 69 15.41 -0.13 -13.70
CA VAL B 69 15.74 1.27 -14.05
C VAL B 69 15.19 1.58 -15.45
N VAL B 70 14.95 2.87 -15.71
CA VAL B 70 14.44 3.35 -16.99
C VAL B 70 15.39 4.42 -17.50
N TYR B 71 15.69 4.36 -18.80
CA TYR B 71 16.63 5.24 -19.40
C TYR B 71 15.91 5.94 -20.55
N GLN B 72 16.37 7.13 -20.86
CA GLN B 72 16.12 7.78 -22.11
C GLN B 72 17.37 7.60 -22.97
N ALA B 73 17.17 7.53 -24.29
CA ALA B 73 18.30 7.46 -25.18
C ALA B 73 17.84 7.95 -26.55
N LYS B 74 18.80 8.09 -27.46
CA LYS B 74 18.58 8.52 -28.82
C LYS B 74 19.20 7.48 -29.77
N LEU B 75 18.34 6.97 -30.68
CA LEU B 75 18.74 6.01 -31.71
C LEU B 75 19.59 6.75 -32.75
N CYS B 76 20.83 6.30 -32.96
CA CYS B 76 21.82 6.99 -33.79
C CYS B 76 21.37 7.09 -35.25
N ASP B 77 20.78 6.02 -35.78
CA ASP B 77 20.42 5.97 -37.18
C ASP B 77 19.33 7.02 -37.42
N SER B 78 18.26 6.95 -36.62
CA SER B 78 17.03 7.69 -36.89
C SER B 78 16.97 9.01 -36.11
N GLY B 79 17.80 9.15 -35.07
CA GLY B 79 17.69 10.27 -34.15
C GLY B 79 16.46 10.19 -33.25
N GLU B 80 15.62 9.16 -33.41
CA GLU B 80 14.40 9.03 -32.64
C GLU B 80 14.74 8.74 -31.17
N LEU B 81 13.92 9.25 -30.26
CA LEU B 81 14.07 9.05 -28.82
C LEU B 81 13.36 7.76 -28.41
N VAL B 82 13.92 7.07 -27.41
CA VAL B 82 13.34 5.83 -26.87
C VAL B 82 13.49 5.85 -25.36
N ALA B 83 12.67 5.05 -24.68
CA ALA B 83 12.88 4.77 -23.28
C ALA B 83 13.35 3.31 -23.18
N ILE B 84 14.30 3.02 -22.31
CA ILE B 84 14.76 1.67 -22.18
C ILE B 84 14.44 1.21 -20.78
N LYS B 85 13.51 0.25 -20.68
CA LYS B 85 13.15 -0.40 -19.46
C LYS B 85 14.06 -1.62 -19.29
N LYS B 86 14.82 -1.63 -18.20
CA LYS B 86 15.74 -2.66 -17.91
C LYS B 86 15.18 -3.45 -16.73
N VAL B 87 15.05 -4.76 -16.89
CA VAL B 87 14.54 -5.61 -15.81
C VAL B 87 15.32 -6.94 -15.80
N LEU B 88 15.46 -7.52 -14.60
CA LEU B 88 16.10 -8.84 -14.41
C LEU B 88 15.26 -9.89 -15.13
N GLN B 89 15.92 -10.87 -15.79
CA GLN B 89 15.27 -11.94 -16.57
C GLN B 89 15.40 -13.26 -15.81
N ASP B 90 14.39 -14.12 -15.97
CA ASP B 90 14.31 -15.45 -15.35
C ASP B 90 14.73 -16.49 -16.39
N LYS B 91 15.92 -17.07 -16.22
CA LYS B 91 16.43 -18.07 -17.16
C LYS B 91 15.53 -19.30 -17.10
N ARG B 92 14.82 -19.50 -15.97
CA ARG B 92 13.81 -20.54 -15.80
C ARG B 92 12.73 -20.39 -16.89
N PHE B 93 11.89 -19.36 -16.76
CA PHE B 93 10.67 -19.23 -17.57
C PHE B 93 10.74 -17.99 -18.47
N LYS B 94 9.96 -18.03 -19.57
CA LYS B 94 9.81 -16.92 -20.54
C LYS B 94 9.37 -15.64 -19.81
N ASN B 95 9.72 -14.47 -20.37
CA ASN B 95 9.23 -13.17 -19.83
C ASN B 95 7.87 -12.87 -20.45
N ARG B 96 6.86 -12.76 -19.59
CA ARG B 96 5.49 -12.63 -20.01
C ARG B 96 5.24 -11.23 -20.54
N GLU B 97 5.87 -10.24 -19.88
CA GLU B 97 5.75 -8.85 -20.31
C GLU B 97 6.16 -8.72 -21.79
N LEU B 98 7.31 -9.28 -22.13
CA LEU B 98 7.85 -9.26 -23.49
C LEU B 98 6.87 -9.88 -24.47
N GLN B 99 6.46 -11.11 -24.16
CA GLN B 99 5.52 -11.92 -24.91
C GLN B 99 4.26 -11.10 -25.21
N ILE B 100 3.71 -10.43 -24.19
CA ILE B 100 2.48 -9.66 -24.36
C ILE B 100 2.76 -8.44 -25.26
N MET B 101 3.87 -7.73 -25.04
CA MET B 101 4.11 -6.45 -25.75
C MET B 101 4.46 -6.65 -27.24
N ARG B 102 5.05 -7.81 -27.58
CA ARG B 102 5.33 -8.20 -28.96
C ARG B 102 4.03 -8.35 -29.76
N LYS B 103 2.97 -8.82 -29.10
CA LYS B 103 1.65 -9.09 -29.71
C LYS B 103 0.79 -7.81 -29.87
N LEU B 104 0.99 -6.79 -29.03
CA LEU B 104 0.09 -5.63 -28.99
C LEU B 104 0.50 -4.59 -30.05
N ASP B 105 -0.48 -4.14 -30.82
CA ASP B 105 -0.34 -3.10 -31.82
C ASP B 105 -1.56 -2.18 -31.71
N HIS B 106 -1.36 -0.98 -31.14
CA HIS B 106 -2.47 -0.04 -30.88
C HIS B 106 -1.95 1.39 -30.63
N CYS B 107 -2.67 2.37 -31.19
CA CYS B 107 -2.28 3.78 -31.14
C CYS B 107 -2.21 4.30 -29.69
N ASN B 108 -2.90 3.64 -28.76
CA ASN B 108 -2.94 4.08 -27.38
C ASN B 108 -2.19 3.11 -26.46
N ILE B 109 -1.30 2.28 -27.02
CA ILE B 109 -0.33 1.48 -26.26
C ILE B 109 1.09 1.79 -26.75
N VAL B 110 2.02 2.04 -25.81
CA VAL B 110 3.42 2.38 -26.18
C VAL B 110 4.00 1.20 -26.99
N ARG B 111 4.69 1.51 -28.10
CA ARG B 111 5.24 0.47 -29.00
C ARG B 111 6.60 0.00 -28.48
N LEU B 112 6.77 -1.33 -28.35
CA LEU B 112 8.10 -1.96 -28.13
C LEU B 112 8.86 -1.98 -29.46
N ARG B 113 9.93 -1.19 -29.57
CA ARG B 113 10.69 -1.09 -30.83
C ARG B 113 11.69 -2.25 -30.92
N TYR B 114 12.37 -2.54 -29.80
CA TYR B 114 13.47 -3.55 -29.76
C TYR B 114 13.54 -4.16 -28.35
N PHE B 115 14.17 -5.34 -28.26
CA PHE B 115 14.62 -5.88 -26.98
C PHE B 115 16.00 -6.54 -27.14
N PHE B 116 16.77 -6.53 -26.05
CA PHE B 116 18.14 -7.03 -26.03
C PHE B 116 18.49 -7.43 -24.60
N TYR B 117 19.46 -8.34 -24.48
CA TYR B 117 19.89 -8.85 -23.20
C TYR B 117 21.21 -8.15 -22.86
N SER B 118 21.49 -7.98 -21.56
CA SER B 118 22.69 -7.27 -21.15
C SER B 118 23.10 -7.72 -19.75
N SER B 119 24.30 -7.26 -19.37
CA SER B 119 24.80 -7.22 -17.99
C SER B 119 24.30 -5.95 -17.27
N GLY B 120 24.25 -5.97 -15.93
CA GLY B 120 23.71 -4.84 -15.15
C GLY B 120 24.24 -4.80 -13.71
N GLU B 121 23.31 -4.63 -12.74
CA GLU B 121 23.64 -4.45 -11.31
C GLU B 121 24.35 -5.71 -10.76
N LYS B 122 23.60 -6.78 -10.51
CA LYS B 122 24.13 -8.05 -9.99
C LYS B 122 25.04 -8.68 -11.06
N LYS B 123 26.16 -9.26 -10.60
CA LYS B 123 27.37 -9.48 -11.40
C LYS B 123 27.10 -10.43 -12.57
N ASP B 124 26.67 -11.66 -12.28
CA ASP B 124 26.63 -12.72 -13.26
C ASP B 124 25.17 -12.98 -13.70
N GLU B 125 24.39 -11.89 -13.77
CA GLU B 125 22.93 -11.94 -13.96
C GLU B 125 22.55 -11.31 -15.31
N VAL B 126 21.45 -11.83 -15.88
CA VAL B 126 20.96 -11.43 -17.20
C VAL B 126 19.79 -10.44 -17.06
N TYR B 127 19.90 -9.31 -17.76
CA TYR B 127 18.87 -8.28 -17.80
C TYR B 127 18.22 -8.21 -19.19
N LEU B 128 16.88 -8.16 -19.19
CA LEU B 128 16.07 -7.84 -20.37
C LEU B 128 15.88 -6.33 -20.43
N ASN B 129 16.14 -5.79 -21.62
CA ASN B 129 16.01 -4.41 -21.94
C ASN B 129 14.92 -4.25 -23.00
N LEU B 130 13.79 -3.61 -22.63
CA LEU B 130 12.72 -3.28 -23.55
C LEU B 130 12.95 -1.86 -24.06
N VAL B 131 13.09 -1.71 -25.38
CA VAL B 131 13.29 -0.45 -26.01
C VAL B 131 11.93 0.00 -26.53
N LEU B 132 11.37 1.04 -25.90
CA LEU B 132 10.05 1.60 -26.16
C LEU B 132 10.18 3.00 -26.79
N ASP B 133 9.19 3.37 -27.60
CA ASP B 133 9.03 4.74 -28.07
C ASP B 133 8.93 5.67 -26.86
N TYR B 134 9.74 6.74 -26.93
CA TYR B 134 9.72 7.82 -25.95
C TYR B 134 8.41 8.59 -26.08
N VAL B 135 7.78 8.84 -24.93
CA VAL B 135 6.65 9.72 -24.81
C VAL B 135 7.03 10.74 -23.74
N PRO B 136 6.85 12.05 -23.98
CA PRO B 136 7.38 13.09 -23.08
C PRO B 136 6.80 13.29 -21.68
N GLU B 137 5.53 12.93 -21.43
CA GLU B 137 4.81 13.22 -20.18
C GLU B 137 3.96 12.03 -19.73
N THR B 138 3.48 12.12 -18.47
CA THR B 138 2.52 11.23 -17.87
C THR B 138 1.36 12.00 -17.24
N VAL B 139 0.22 11.33 -17.15
CA VAL B 139 -0.95 11.84 -16.47
C VAL B 139 -0.56 12.21 -15.05
N TYR B 140 0.33 11.41 -14.45
CA TYR B 140 0.75 11.68 -13.09
C TYR B 140 1.35 13.08 -12.98
N ARG B 141 2.29 13.36 -13.88
CA ARG B 141 3.02 14.59 -13.79
C ARG B 141 2.08 15.76 -14.04
N VAL B 142 1.21 15.60 -15.04
CA VAL B 142 0.27 16.62 -15.43
C VAL B 142 -0.66 16.92 -14.26
N ALA B 143 -1.25 15.86 -13.70
CA ALA B 143 -2.20 16.01 -12.61
C ALA B 143 -1.55 16.73 -11.43
N ARG B 144 -0.28 16.40 -11.13
CA ARG B 144 0.46 16.96 -10.01
C ARG B 144 0.76 18.45 -10.27
N HIS B 145 1.17 18.77 -11.50
CA HIS B 145 1.34 20.18 -11.95
C HIS B 145 0.13 21.02 -11.51
N TYR B 146 -1.07 20.56 -11.88
CA TYR B 146 -2.31 21.23 -11.59
C TYR B 146 -2.59 21.24 -10.09
N SER B 147 -2.46 20.08 -9.47
CA SER B 147 -2.68 19.83 -8.04
C SER B 147 -1.92 20.86 -7.19
N ARG B 148 -0.63 21.03 -7.49
CA ARG B 148 0.28 21.84 -6.71
C ARG B 148 -0.07 23.32 -6.90
N ALA B 149 -0.70 23.66 -8.02
CA ALA B 149 -1.17 25.02 -8.30
C ALA B 149 -2.60 25.25 -7.79
N LYS B 150 -3.18 24.24 -7.14
CA LYS B 150 -4.57 24.23 -6.64
C LYS B 150 -5.57 24.51 -7.78
N GLN B 151 -5.31 23.94 -8.96
CA GLN B 151 -6.23 23.99 -10.11
C GLN B 151 -6.59 22.56 -10.54
N THR B 152 -7.59 22.45 -11.42
CA THR B 152 -7.97 21.18 -12.07
C THR B 152 -7.73 21.28 -13.58
N LEU B 153 -7.23 20.19 -14.15
CA LEU B 153 -7.24 19.94 -15.58
C LEU B 153 -8.57 20.40 -16.15
N PRO B 154 -8.59 21.20 -17.25
CA PRO B 154 -9.82 21.38 -18.04
C PRO B 154 -10.46 20.05 -18.48
N VAL B 155 -11.80 19.95 -18.46
CA VAL B 155 -12.44 18.66 -18.73
C VAL B 155 -12.15 18.18 -20.15
N ILE B 156 -11.93 19.06 -21.12
CA ILE B 156 -11.67 18.56 -22.49
C ILE B 156 -10.50 17.57 -22.43
N TYR B 157 -9.49 17.87 -21.61
CA TYR B 157 -8.31 17.04 -21.47
C TYR B 157 -8.65 15.76 -20.72
N VAL B 158 -9.51 15.87 -19.69
CA VAL B 158 -10.01 14.71 -18.98
C VAL B 158 -10.76 13.79 -19.96
N LYS B 159 -11.55 14.36 -20.87
CA LYS B 159 -12.25 13.58 -21.89
C LYS B 159 -11.26 12.87 -22.83
N LEU B 160 -10.28 13.62 -23.35
CA LEU B 160 -9.39 13.10 -24.33
C LEU B 160 -8.64 11.91 -23.73
N TYR B 161 -8.16 12.08 -22.50
CA TYR B 161 -7.20 11.14 -21.89
C TYR B 161 -7.94 9.87 -21.47
N MET B 162 -9.05 10.04 -20.74
CA MET B 162 -9.87 8.90 -20.27
C MET B 162 -10.48 8.09 -21.43
N TYR B 163 -10.97 8.76 -22.48
CA TYR B 163 -11.45 8.05 -23.68
C TYR B 163 -10.35 7.15 -24.23
N GLN B 164 -9.14 7.71 -24.42
CA GLN B 164 -8.05 6.95 -24.99
C GLN B 164 -7.65 5.80 -24.04
N LEU B 165 -7.72 6.05 -22.73
CA LEU B 165 -7.44 5.02 -21.76
C LEU B 165 -8.44 3.88 -21.94
N PHE B 166 -9.74 4.20 -22.05
CA PHE B 166 -10.76 3.14 -22.21
C PHE B 166 -10.59 2.39 -23.52
N ARG B 167 -10.13 3.09 -24.57
CA ARG B 167 -9.91 2.46 -25.85
C ARG B 167 -8.78 1.42 -25.75
N SER B 168 -7.66 1.77 -25.09
CA SER B 168 -6.53 0.82 -24.89
C SER B 168 -7.03 -0.44 -24.15
N LEU B 169 -7.91 -0.21 -23.18
CA LEU B 169 -8.45 -1.26 -22.33
C LEU B 169 -9.35 -2.18 -23.16
N ALA B 170 -10.26 -1.59 -23.97
CA ALA B 170 -11.11 -2.44 -24.81
C ALA B 170 -10.23 -3.34 -25.67
N TYR B 171 -9.10 -2.82 -26.19
CA TYR B 171 -8.26 -3.58 -27.07
C TYR B 171 -7.59 -4.74 -26.32
N ILE B 172 -6.91 -4.47 -25.21
CA ILE B 172 -6.25 -5.57 -24.51
C ILE B 172 -7.30 -6.55 -23.97
N HIS B 173 -8.41 -6.04 -23.43
CA HIS B 173 -9.44 -6.90 -22.89
C HIS B 173 -9.97 -7.83 -23.98
N SER B 174 -10.08 -7.35 -25.22
CA SER B 174 -10.59 -8.19 -26.33
C SER B 174 -9.72 -9.44 -26.53
N PHE B 175 -8.44 -9.41 -26.12
CA PHE B 175 -7.60 -10.59 -26.18
C PHE B 175 -7.69 -11.41 -24.90
N GLY B 176 -8.47 -10.90 -23.92
CA GLY B 176 -8.56 -11.50 -22.59
C GLY B 176 -7.44 -11.04 -21.66
N ILE B 177 -6.66 -10.03 -22.07
CA ILE B 177 -5.50 -9.56 -21.30
C ILE B 177 -5.96 -8.43 -20.38
N CYS B 178 -5.71 -8.60 -19.07
CA CYS B 178 -6.00 -7.58 -18.07
C CYS B 178 -4.68 -6.89 -17.68
N HIS B 179 -4.68 -5.56 -17.64
CA HIS B 179 -3.44 -4.77 -17.35
C HIS B 179 -2.99 -4.99 -15.89
N ARG B 180 -3.95 -4.82 -14.97
CA ARG B 180 -3.79 -5.07 -13.53
C ARG B 180 -2.99 -4.00 -12.78
N ASP B 181 -2.53 -2.92 -13.44
CA ASP B 181 -1.78 -1.90 -12.72
C ASP B 181 -2.00 -0.54 -13.39
N ILE B 182 -3.28 -0.21 -13.63
CA ILE B 182 -3.67 1.08 -14.16
C ILE B 182 -3.51 2.13 -13.05
N LYS B 183 -2.81 3.20 -13.38
CA LYS B 183 -2.56 4.29 -12.49
C LYS B 183 -1.92 5.42 -13.29
N PRO B 184 -2.01 6.67 -12.80
CA PRO B 184 -1.53 7.82 -13.56
C PRO B 184 -0.07 7.66 -14.03
N GLN B 185 0.82 7.00 -13.29
CA GLN B 185 2.26 6.91 -13.71
C GLN B 185 2.43 6.06 -14.98
N ASN B 186 1.50 5.14 -15.23
CA ASN B 186 1.56 4.20 -16.34
C ASN B 186 0.81 4.75 -17.57
N LEU B 187 0.30 5.99 -17.48
CA LEU B 187 -0.43 6.65 -18.55
C LEU B 187 0.46 7.73 -19.19
N LEU B 188 0.96 7.48 -20.39
CA LEU B 188 1.87 8.40 -21.04
C LEU B 188 1.05 9.30 -21.96
N LEU B 189 1.50 10.54 -22.16
CA LEU B 189 0.84 11.37 -23.14
C LEU B 189 1.81 12.37 -23.77
N ASP B 190 1.53 12.71 -25.02
CA ASP B 190 2.23 13.77 -25.72
C ASP B 190 1.40 15.04 -25.56
N PRO B 191 1.92 16.10 -24.92
CA PRO B 191 1.11 17.30 -24.65
C PRO B 191 0.50 17.94 -25.91
N ASP B 192 1.23 17.92 -27.03
CA ASP B 192 0.89 18.73 -28.19
C ASP B 192 -0.13 18.01 -29.10
N THR B 193 -0.09 16.67 -29.17
CA THR B 193 -1.03 15.87 -29.95
C THR B 193 -2.22 15.47 -29.09
N ALA B 194 -2.00 15.44 -27.77
CA ALA B 194 -2.95 14.99 -26.77
C ALA B 194 -3.09 13.46 -26.78
N VAL B 195 -2.15 12.73 -27.40
CA VAL B 195 -2.28 11.27 -27.52
C VAL B 195 -1.85 10.63 -26.20
N LEU B 196 -2.63 9.66 -25.73
CA LEU B 196 -2.33 8.91 -24.52
C LEU B 196 -1.93 7.48 -24.91
N LYS B 197 -0.92 6.95 -24.22
CA LYS B 197 -0.46 5.58 -24.46
C LYS B 197 -0.27 4.91 -23.10
N LEU B 198 -0.80 3.70 -23.03
CA LEU B 198 -0.73 2.84 -21.89
C LEU B 198 0.59 2.09 -21.88
N CYS B 199 1.49 2.30 -20.70
CA CYS B 199 2.71 1.57 -20.51
C CYS B 199 2.53 0.65 -19.31
N ASP B 200 3.77 -0.28 -19.09
CA ASP B 200 4.05 -1.26 -18.08
C ASP B 200 3.11 -2.45 -18.22
N PHE B 201 3.55 -3.48 -18.96
CA PHE B 201 2.84 -4.74 -19.03
C PHE B 201 3.51 -5.80 -18.15
N GLY B 202 4.29 -5.34 -17.15
CA GLY B 202 4.89 -6.18 -16.13
C GLY B 202 3.90 -6.91 -15.24
N SER B 203 2.66 -6.42 -15.08
CA SER B 203 1.65 -7.08 -14.24
C SER B 203 0.56 -7.72 -15.09
N ALA B 204 0.62 -7.59 -16.41
CA ALA B 204 -0.49 -7.92 -17.26
C ALA B 204 -0.59 -9.43 -17.40
N LYS B 205 -1.81 -9.95 -17.54
CA LYS B 205 -2.04 -11.37 -17.61
C LYS B 205 -3.31 -11.65 -18.43
N GLN B 206 -3.30 -12.73 -19.22
CA GLN B 206 -4.53 -13.24 -19.81
C GLN B 206 -5.33 -13.97 -18.71
N LEU B 207 -6.50 -13.42 -18.35
CA LEU B 207 -7.34 -14.01 -17.31
C LEU B 207 -8.24 -15.10 -17.93
N VAL B 208 -8.49 -16.16 -17.13
CA VAL B 208 -9.29 -17.33 -17.50
C VAL B 208 -10.25 -17.57 -16.33
N ARG B 209 -11.55 -17.64 -16.60
CA ARG B 209 -12.47 -17.69 -15.48
C ARG B 209 -12.22 -19.02 -14.73
N GLY B 210 -12.32 -18.94 -13.39
CA GLY B 210 -12.19 -20.07 -12.49
C GLY B 210 -10.74 -20.50 -12.22
N GLU B 211 -9.75 -19.90 -12.93
CA GLU B 211 -8.31 -20.15 -12.64
C GLU B 211 -7.81 -18.99 -11.77
N PRO B 212 -7.07 -19.28 -10.66
CA PRO B 212 -6.70 -18.26 -9.69
C PRO B 212 -5.57 -17.32 -10.18
N ASN B 213 -5.64 -16.07 -9.73
CA ASN B 213 -4.66 -15.02 -10.00
C ASN B 213 -4.16 -14.46 -8.66
N VAL B 214 -2.94 -13.93 -8.65
CA VAL B 214 -2.41 -13.27 -7.45
C VAL B 214 -3.28 -12.02 -7.16
N SER B 215 -3.71 -11.85 -5.91
CA SER B 215 -4.51 -10.67 -5.56
C SER B 215 -3.65 -9.43 -5.34
N TYR B 216 -2.33 -9.59 -5.21
CA TYR B 216 -1.47 -8.53 -4.66
C TYR B 216 -0.98 -7.59 -5.75
N ILE B 217 -1.55 -7.65 -6.95
CA ILE B 217 -1.21 -6.71 -8.01
C ILE B 217 -1.99 -5.40 -7.79
N CYS B 218 -1.62 -4.38 -8.58
CA CYS B 218 -2.31 -3.09 -8.62
C CYS B 218 -1.83 -2.22 -7.45
N SER B 219 -1.61 -0.94 -7.74
CA SER B 219 -0.92 -0.03 -6.85
C SER B 219 -1.92 0.66 -5.93
N ARG B 220 -1.47 1.01 -4.72
CA ARG B 220 -2.34 1.59 -3.68
C ARG B 220 -3.04 2.80 -4.29
N TYR B 221 -4.36 2.87 -4.03
CA TYR B 221 -5.31 3.89 -4.46
C TYR B 221 -6.14 3.39 -5.65
N TYR B 222 -5.59 2.51 -6.51
CA TYR B 222 -6.23 2.19 -7.79
C TYR B 222 -6.83 0.79 -7.74
N ARG B 223 -6.85 0.19 -6.56
CA ARG B 223 -7.16 -1.21 -6.41
C ARG B 223 -8.65 -1.42 -6.16
N ALA B 224 -9.25 -2.28 -7.00
CA ALA B 224 -10.63 -2.64 -6.86
C ALA B 224 -10.83 -3.30 -5.49
N PRO B 225 -12.03 -3.12 -4.89
CA PRO B 225 -12.30 -3.67 -3.57
C PRO B 225 -12.14 -5.20 -3.50
N GLU B 226 -12.38 -5.91 -4.61
CA GLU B 226 -12.14 -7.34 -4.63
C GLU B 226 -10.65 -7.63 -4.43
N LEU B 227 -9.74 -6.74 -4.87
CA LEU B 227 -8.31 -6.92 -4.63
C LEU B 227 -8.02 -6.60 -3.16
N ILE B 228 -8.67 -5.60 -2.60
CA ILE B 228 -8.46 -5.24 -1.23
C ILE B 228 -8.87 -6.43 -0.35
N PHE B 229 -9.93 -7.15 -0.76
CA PHE B 229 -10.44 -8.34 -0.07
C PHE B 229 -9.61 -9.59 -0.39
N GLY B 230 -8.59 -9.46 -1.24
CA GLY B 230 -7.67 -10.58 -1.48
C GLY B 230 -8.25 -11.69 -2.37
N ALA B 231 -9.23 -11.32 -3.21
CA ALA B 231 -9.81 -12.24 -4.19
C ALA B 231 -8.69 -12.69 -5.13
N THR B 232 -8.59 -14.01 -5.34
CA THR B 232 -7.75 -14.59 -6.38
C THR B 232 -8.56 -14.77 -7.66
N ASP B 233 -9.89 -14.88 -7.52
CA ASP B 233 -10.84 -14.96 -8.64
C ASP B 233 -11.41 -13.56 -8.92
N TYR B 234 -11.10 -13.04 -10.12
CA TYR B 234 -11.47 -11.69 -10.53
C TYR B 234 -11.31 -11.61 -12.04
N THR B 235 -11.75 -10.48 -12.61
CA THR B 235 -11.86 -10.26 -14.04
C THR B 235 -11.19 -8.96 -14.47
N SER B 236 -11.20 -8.74 -15.79
CA SER B 236 -10.72 -7.54 -16.45
C SER B 236 -11.34 -6.26 -15.86
N SER B 237 -12.50 -6.39 -15.20
CA SER B 237 -13.17 -5.29 -14.59
C SER B 237 -12.34 -4.62 -13.47
N ILE B 238 -11.26 -5.25 -13.01
CA ILE B 238 -10.44 -4.52 -12.05
C ILE B 238 -9.81 -3.29 -12.72
N ASP B 239 -9.58 -3.34 -14.05
CA ASP B 239 -8.92 -2.23 -14.79
C ASP B 239 -9.91 -1.07 -14.89
N VAL B 240 -11.18 -1.40 -15.04
CA VAL B 240 -12.21 -0.41 -15.13
C VAL B 240 -12.33 0.36 -13.80
N TRP B 241 -12.27 -0.38 -12.69
CA TRP B 241 -12.31 0.25 -11.38
C TRP B 241 -11.16 1.25 -11.27
N SER B 242 -9.94 0.78 -11.58
CA SER B 242 -8.75 1.59 -11.54
C SER B 242 -8.94 2.85 -12.40
N ALA B 243 -9.51 2.68 -13.60
CA ALA B 243 -9.64 3.78 -14.56
C ALA B 243 -10.61 4.81 -13.97
N GLY B 244 -11.71 4.30 -13.39
CA GLY B 244 -12.64 5.07 -12.58
C GLY B 244 -11.94 5.91 -11.52
N CYS B 245 -10.94 5.33 -10.86
CA CYS B 245 -10.17 6.05 -9.84
C CYS B 245 -9.33 7.19 -10.45
N VAL B 246 -8.85 7.02 -11.69
CA VAL B 246 -8.08 8.04 -12.39
C VAL B 246 -9.02 9.19 -12.81
N LEU B 247 -10.17 8.87 -13.40
CA LEU B 247 -11.19 9.86 -13.76
C LEU B 247 -11.54 10.70 -12.54
N ALA B 248 -11.89 10.03 -11.43
CA ALA B 248 -12.27 10.69 -10.20
C ALA B 248 -11.15 11.64 -9.79
N GLU B 249 -9.91 11.15 -9.88
CA GLU B 249 -8.76 11.87 -9.35
C GLU B 249 -8.47 13.13 -10.19
N LEU B 250 -8.79 13.09 -11.49
CA LEU B 250 -8.56 14.22 -12.35
C LEU B 250 -9.64 15.28 -12.15
N LEU B 251 -10.88 14.86 -11.89
CA LEU B 251 -11.99 15.79 -11.60
C LEU B 251 -11.75 16.45 -10.24
N LEU B 252 -11.20 15.65 -9.30
CA LEU B 252 -11.22 16.01 -7.91
C LEU B 252 -9.95 16.77 -7.52
N GLY B 253 -8.83 16.52 -8.21
CA GLY B 253 -7.53 17.14 -7.90
C GLY B 253 -6.70 16.37 -6.87
N GLN B 254 -7.23 15.25 -6.37
CA GLN B 254 -6.54 14.39 -5.42
C GLN B 254 -7.11 13.00 -5.59
N PRO B 255 -6.42 11.93 -5.16
CA PRO B 255 -6.99 10.60 -5.24
C PRO B 255 -8.24 10.47 -4.37
N ILE B 256 -9.23 9.70 -4.85
CA ILE B 256 -10.54 9.65 -4.24
C ILE B 256 -10.55 8.63 -3.08
N PHE B 257 -9.71 7.58 -3.14
CA PHE B 257 -9.63 6.60 -2.07
C PHE B 257 -8.19 6.42 -1.61
N PRO B 258 -7.58 7.42 -0.94
CA PRO B 258 -6.23 7.26 -0.38
C PRO B 258 -6.19 6.29 0.81
N GLY B 259 -4.98 5.97 1.26
CA GLY B 259 -4.78 5.19 2.47
C GLY B 259 -3.58 4.28 2.37
N ASP B 260 -2.90 4.07 3.51
CA ASP B 260 -1.67 3.31 3.55
C ASP B 260 -1.95 1.86 3.91
N SER B 261 -3.17 1.58 4.38
CA SER B 261 -3.65 0.23 4.60
C SER B 261 -4.89 0.02 3.73
N GLY B 262 -5.17 -1.25 3.45
CA GLY B 262 -6.42 -1.66 2.80
C GLY B 262 -7.66 -1.23 3.57
N VAL B 263 -7.58 -1.30 4.89
CA VAL B 263 -8.67 -0.87 5.77
C VAL B 263 -8.96 0.63 5.54
N ASP B 264 -7.94 1.47 5.49
CA ASP B 264 -8.13 2.91 5.28
C ASP B 264 -8.72 3.16 3.88
N GLN B 265 -8.20 2.47 2.87
CA GLN B 265 -8.70 2.59 1.53
C GLN B 265 -10.21 2.30 1.56
N LEU B 266 -10.57 1.21 2.23
CA LEU B 266 -11.92 0.74 2.27
C LEU B 266 -12.81 1.72 3.04
N VAL B 267 -12.34 2.25 4.17
CA VAL B 267 -13.10 3.29 4.83
C VAL B 267 -13.46 4.35 3.78
N GLU B 268 -12.49 4.84 3.00
CA GLU B 268 -12.73 5.93 2.05
C GLU B 268 -13.75 5.53 0.97
N ILE B 269 -13.64 4.28 0.51
CA ILE B 269 -14.54 3.75 -0.50
C ILE B 269 -15.97 3.77 0.05
N ILE B 270 -16.16 3.27 1.27
CA ILE B 270 -17.50 3.12 1.87
C ILE B 270 -18.10 4.52 2.11
N LYS B 271 -17.28 5.52 2.44
CA LYS B 271 -17.77 6.89 2.67
C LYS B 271 -18.39 7.50 1.41
N VAL B 272 -18.00 7.00 0.22
CA VAL B 272 -18.53 7.46 -1.05
C VAL B 272 -19.65 6.52 -1.52
N LEU B 273 -19.37 5.22 -1.55
CA LEU B 273 -20.26 4.25 -2.17
C LEU B 273 -21.37 3.80 -1.22
N GLY B 274 -21.19 4.06 0.08
CA GLY B 274 -21.97 3.42 1.13
C GLY B 274 -21.51 2.00 1.41
N THR B 275 -21.98 1.46 2.55
CA THR B 275 -21.71 0.09 2.94
C THR B 275 -22.13 -0.84 1.82
N PRO B 276 -21.28 -1.82 1.47
CA PRO B 276 -21.65 -2.83 0.47
C PRO B 276 -22.69 -3.78 1.08
N THR B 277 -23.67 -4.20 0.28
CA THR B 277 -24.66 -5.18 0.71
C THR B 277 -24.01 -6.56 0.76
N ARG B 278 -24.71 -7.50 1.39
CA ARG B 278 -24.19 -8.86 1.51
C ARG B 278 -23.96 -9.42 0.09
N GLU B 279 -24.90 -9.15 -0.82
CA GLU B 279 -24.80 -9.61 -2.19
C GLU B 279 -23.58 -9.00 -2.90
N GLN B 280 -23.35 -7.70 -2.71
CA GLN B 280 -22.22 -7.03 -3.37
C GLN B 280 -20.92 -7.64 -2.87
N ILE B 281 -20.83 -7.86 -1.54
CA ILE B 281 -19.66 -8.49 -0.95
C ILE B 281 -19.42 -9.85 -1.60
N ARG B 282 -20.49 -10.63 -1.79
CA ARG B 282 -20.39 -11.99 -2.30
C ARG B 282 -19.85 -11.95 -3.74
N GLU B 283 -20.23 -10.92 -4.50
CA GLU B 283 -19.82 -10.77 -5.87
C GLU B 283 -18.31 -10.42 -5.92
N MET B 284 -17.78 -9.81 -4.85
CA MET B 284 -16.36 -9.39 -4.80
C MET B 284 -15.48 -10.53 -4.27
N ASN B 285 -15.86 -11.07 -3.10
CA ASN B 285 -15.17 -12.20 -2.50
C ASN B 285 -16.13 -12.89 -1.52
N PRO B 286 -16.66 -14.08 -1.84
CA PRO B 286 -17.65 -14.72 -0.96
C PRO B 286 -17.12 -15.03 0.45
N ASN B 287 -15.82 -15.16 0.63
CA ASN B 287 -15.25 -15.46 1.94
C ASN B 287 -15.39 -14.26 2.92
N TYR B 288 -15.86 -13.08 2.48
CA TYR B 288 -15.95 -11.87 3.32
C TYR B 288 -17.39 -11.57 3.79
N THR B 289 -18.39 -12.41 3.45
CA THR B 289 -19.79 -12.10 3.70
C THR B 289 -20.12 -11.99 5.19
N GLU B 290 -19.37 -12.66 6.08
CA GLU B 290 -19.75 -12.78 7.50
C GLU B 290 -19.08 -11.70 8.39
N PHE B 291 -18.18 -10.90 7.81
CA PHE B 291 -17.54 -9.81 8.50
C PHE B 291 -18.49 -8.63 8.60
N LYS B 292 -18.33 -7.83 9.66
CA LYS B 292 -19.12 -6.63 9.89
C LYS B 292 -18.46 -5.45 9.15
N PHE B 293 -19.25 -4.55 8.59
CA PHE B 293 -18.69 -3.36 7.98
C PHE B 293 -19.30 -2.11 8.60
N PRO B 294 -18.58 -0.97 8.59
CA PRO B 294 -19.13 0.27 9.13
C PRO B 294 -20.48 0.49 8.43
N GLN B 295 -21.55 0.68 9.21
CA GLN B 295 -22.85 1.08 8.66
C GLN B 295 -22.79 2.56 8.31
N ILE B 296 -22.77 2.88 7.01
CA ILE B 296 -22.65 4.25 6.50
C ILE B 296 -23.52 4.40 5.25
N LYS B 297 -24.17 5.56 5.17
CA LYS B 297 -25.04 5.94 4.08
C LYS B 297 -24.16 6.41 2.92
N ALA B 298 -24.59 6.10 1.69
CA ALA B 298 -23.98 6.64 0.48
C ALA B 298 -23.93 8.18 0.53
N HIS B 299 -22.77 8.74 0.17
CA HIS B 299 -22.69 10.14 -0.16
C HIS B 299 -23.20 10.28 -1.58
N PRO B 300 -24.23 11.12 -1.85
CA PRO B 300 -24.72 11.29 -3.22
C PRO B 300 -23.51 11.74 -4.06
N TRP B 301 -23.46 11.27 -5.29
CA TRP B 301 -22.28 11.38 -6.11
C TRP B 301 -21.99 12.84 -6.49
N THR B 302 -23.04 13.68 -6.56
CA THR B 302 -22.94 15.06 -7.06
C THR B 302 -22.15 15.94 -6.07
N LYS B 303 -22.17 15.52 -4.80
CA LYS B 303 -21.63 16.30 -3.70
C LYS B 303 -20.21 15.82 -3.36
N VAL B 304 -19.72 14.82 -4.10
CA VAL B 304 -18.33 14.32 -3.99
C VAL B 304 -17.37 15.27 -4.72
N PHE B 305 -17.81 15.75 -5.88
CA PHE B 305 -17.04 16.63 -6.73
C PHE B 305 -17.46 18.08 -6.45
N ARG B 306 -16.58 19.02 -6.80
CA ARG B 306 -16.85 20.46 -6.66
C ARG B 306 -18.03 20.83 -7.57
N PRO B 307 -18.79 21.89 -7.25
CA PRO B 307 -19.94 22.30 -8.06
C PRO B 307 -19.54 22.64 -9.50
N ARG B 308 -20.46 22.47 -10.45
CA ARG B 308 -20.19 22.75 -11.87
C ARG B 308 -19.44 21.60 -12.57
N THR B 309 -18.80 20.67 -11.82
CA THR B 309 -18.33 19.40 -12.40
C THR B 309 -19.41 18.86 -13.35
N PRO B 310 -19.11 18.69 -14.65
CA PRO B 310 -20.14 18.22 -15.58
C PRO B 310 -20.89 17.01 -15.01
N PRO B 311 -22.24 16.96 -15.15
CA PRO B 311 -23.02 15.86 -14.59
C PRO B 311 -22.76 14.47 -15.20
N GLU B 312 -22.33 14.42 -16.47
CA GLU B 312 -22.06 13.18 -17.20
C GLU B 312 -20.68 12.63 -16.82
N ALA B 313 -19.78 13.50 -16.35
CA ALA B 313 -18.55 13.05 -15.73
C ALA B 313 -18.91 12.29 -14.44
N ILE B 314 -19.83 12.84 -13.65
CA ILE B 314 -20.22 12.25 -12.39
C ILE B 314 -20.94 10.93 -12.65
N ALA B 315 -21.83 10.90 -13.64
CA ALA B 315 -22.60 9.70 -14.00
C ALA B 315 -21.63 8.59 -14.42
N LEU B 316 -20.69 8.89 -15.34
CA LEU B 316 -19.72 7.89 -15.80
C LEU B 316 -18.95 7.32 -14.59
N CYS B 317 -18.46 8.19 -13.71
CA CYS B 317 -17.80 7.75 -12.47
C CYS B 317 -18.65 6.73 -11.70
N SER B 318 -19.96 6.99 -11.58
CA SER B 318 -20.85 6.16 -10.76
C SER B 318 -21.08 4.78 -11.41
N ARG B 319 -20.86 4.67 -12.71
CA ARG B 319 -21.00 3.41 -13.45
C ARG B 319 -19.65 2.67 -13.55
N LEU B 320 -18.54 3.30 -13.20
CA LEU B 320 -17.25 2.62 -13.20
C LEU B 320 -16.92 2.11 -11.80
N LEU B 321 -17.16 2.95 -10.79
CA LEU B 321 -16.89 2.65 -9.39
C LEU B 321 -18.12 2.01 -8.73
N GLU B 322 -18.36 0.75 -9.09
CA GLU B 322 -19.42 -0.12 -8.53
C GLU B 322 -18.73 -1.27 -7.80
N TYR B 323 -19.26 -1.62 -6.62
CA TYR B 323 -18.84 -2.80 -5.89
C TYR B 323 -18.94 -4.04 -6.79
N THR B 324 -20.14 -4.29 -7.31
CA THR B 324 -20.39 -5.50 -8.08
C THR B 324 -19.53 -5.45 -9.34
N PRO B 325 -18.52 -6.33 -9.49
CA PRO B 325 -17.58 -6.19 -10.59
C PRO B 325 -18.24 -6.30 -11.97
N THR B 326 -19.30 -7.12 -12.06
CA THR B 326 -20.04 -7.32 -13.31
C THR B 326 -20.94 -6.11 -13.65
N ALA B 327 -21.15 -5.19 -12.70
CA ALA B 327 -22.03 -4.03 -12.88
C ALA B 327 -21.29 -2.84 -13.48
N ARG B 328 -19.96 -2.86 -13.46
CA ARG B 328 -19.11 -1.81 -14.00
C ARG B 328 -19.22 -1.82 -15.53
N LEU B 329 -19.17 -0.64 -16.15
CA LEU B 329 -19.15 -0.55 -17.60
C LEU B 329 -17.92 -1.27 -18.12
N THR B 330 -18.07 -1.87 -19.30
CA THR B 330 -16.92 -2.31 -20.06
C THR B 330 -16.17 -1.10 -20.58
N PRO B 331 -14.90 -1.26 -20.97
CA PRO B 331 -14.18 -0.18 -21.63
C PRO B 331 -14.95 0.39 -22.82
N LEU B 332 -15.50 -0.49 -23.67
CA LEU B 332 -16.11 -0.06 -24.91
C LEU B 332 -17.40 0.70 -24.59
N GLU B 333 -18.12 0.26 -23.57
CA GLU B 333 -19.29 0.99 -23.11
C GLU B 333 -18.86 2.36 -22.58
N ALA B 334 -17.77 2.38 -21.81
CA ALA B 334 -17.24 3.62 -21.29
C ALA B 334 -16.99 4.58 -22.48
N CYS B 335 -16.29 4.14 -23.52
CA CYS B 335 -16.00 5.02 -24.65
C CYS B 335 -17.31 5.63 -25.17
N ALA B 336 -18.41 4.86 -25.15
CA ALA B 336 -19.67 5.25 -25.78
C ALA B 336 -20.48 6.21 -24.91
N HIS B 337 -20.04 6.42 -23.65
CA HIS B 337 -20.76 7.21 -22.66
C HIS B 337 -20.89 8.66 -23.13
N SER B 338 -21.97 9.31 -22.68
CA SER B 338 -22.31 10.69 -23.10
C SER B 338 -21.19 11.67 -22.69
N PHE B 339 -20.47 11.38 -21.60
CA PHE B 339 -19.35 12.19 -21.15
C PHE B 339 -18.39 12.51 -22.31
N PHE B 340 -18.27 11.60 -23.29
CA PHE B 340 -17.34 11.78 -24.41
C PHE B 340 -18.04 12.28 -25.68
N ASP B 341 -19.31 12.70 -25.60
CA ASP B 341 -20.04 13.22 -26.80
C ASP B 341 -19.23 14.34 -27.50
N GLU B 342 -18.69 15.26 -26.71
CA GLU B 342 -17.94 16.38 -27.23
C GLU B 342 -16.83 15.89 -28.19
N LEU B 343 -16.22 14.74 -27.88
CA LEU B 343 -15.14 14.16 -28.69
C LEU B 343 -15.66 13.76 -30.08
N ARG B 344 -16.95 13.44 -30.17
CA ARG B 344 -17.56 13.00 -31.42
C ARG B 344 -18.08 14.18 -32.24
N ASP B 345 -17.97 15.39 -31.69
CA ASP B 345 -18.42 16.60 -32.36
C ASP B 345 -17.53 16.83 -33.57
N PRO B 346 -18.09 17.02 -34.79
CA PRO B 346 -17.26 17.24 -35.98
C PRO B 346 -16.40 18.51 -35.90
N ASN B 347 -16.75 19.44 -35.00
CA ASN B 347 -16.09 20.74 -34.90
C ASN B 347 -15.06 20.81 -33.77
N VAL B 348 -14.90 19.71 -32.99
CA VAL B 348 -14.02 19.75 -31.81
C VAL B 348 -12.57 19.97 -32.25
N LYS B 349 -11.81 20.66 -31.40
CA LYS B 349 -10.43 20.97 -31.59
C LYS B 349 -9.74 20.81 -30.24
N LEU B 350 -8.42 20.63 -30.25
CA LEU B 350 -7.64 20.73 -29.02
C LEU B 350 -7.53 22.20 -28.66
N PRO B 351 -7.35 22.55 -27.37
CA PRO B 351 -7.06 23.93 -26.98
C PRO B 351 -5.93 24.65 -27.74
N ASN B 352 -4.92 23.90 -28.19
CA ASN B 352 -3.79 24.49 -28.90
C ASN B 352 -4.18 24.78 -30.36
N GLY B 353 -5.41 24.44 -30.78
CA GLY B 353 -5.93 24.79 -32.11
C GLY B 353 -5.82 23.65 -33.12
N ARG B 354 -5.03 22.62 -32.82
CA ARG B 354 -4.90 21.45 -33.71
C ARG B 354 -6.16 20.57 -33.64
N ASP B 355 -6.29 19.68 -34.63
CA ASP B 355 -7.30 18.61 -34.63
C ASP B 355 -6.98 17.61 -33.52
N THR B 356 -8.05 17.00 -33.00
CA THR B 356 -7.97 15.88 -32.08
C THR B 356 -7.18 14.75 -32.73
N PRO B 357 -6.56 13.85 -31.95
CA PRO B 357 -5.94 12.65 -32.51
C PRO B 357 -7.04 11.73 -33.05
N ALA B 358 -6.65 10.60 -33.67
CA ALA B 358 -7.59 9.67 -34.32
C ALA B 358 -8.34 8.84 -33.26
N LEU B 359 -9.62 9.14 -33.05
CA LEU B 359 -10.37 8.59 -31.95
C LEU B 359 -11.38 7.53 -32.41
N PHE B 360 -11.62 7.44 -33.72
CA PHE B 360 -12.80 6.70 -34.22
C PHE B 360 -12.41 5.57 -35.18
N ASN B 361 -11.11 5.44 -35.46
CA ASN B 361 -10.63 4.44 -36.41
C ASN B 361 -10.54 3.06 -35.73
N PHE B 362 -11.67 2.58 -35.19
CA PHE B 362 -11.75 1.30 -34.52
C PHE B 362 -11.57 0.15 -35.52
N THR B 363 -10.78 -0.85 -35.12
CA THR B 363 -10.71 -2.14 -35.80
C THR B 363 -11.90 -2.99 -35.37
N THR B 364 -12.07 -4.12 -36.06
CA THR B 364 -13.07 -5.13 -35.74
C THR B 364 -12.73 -5.76 -34.39
N GLN B 365 -11.45 -6.12 -34.20
CA GLN B 365 -11.01 -6.70 -32.91
C GLN B 365 -11.46 -5.78 -31.76
N GLU B 366 -11.26 -4.47 -31.93
CA GLU B 366 -11.56 -3.46 -30.91
C GLU B 366 -13.06 -3.45 -30.54
N LEU B 367 -13.93 -3.64 -31.53
CA LEU B 367 -15.41 -3.61 -31.36
C LEU B 367 -15.98 -4.99 -30.96
N SER B 368 -15.12 -6.02 -30.90
CA SER B 368 -15.58 -7.42 -30.90
C SER B 368 -16.48 -7.74 -29.69
N SER B 369 -16.31 -7.02 -28.57
CA SER B 369 -17.10 -7.28 -27.34
C SER B 369 -18.57 -6.85 -27.55
N ASN B 370 -18.81 -5.89 -28.45
CA ASN B 370 -20.17 -5.36 -28.60
C ASN B 370 -20.25 -4.53 -29.88
N PRO B 371 -20.17 -5.17 -31.08
CA PRO B 371 -20.09 -4.49 -32.37
C PRO B 371 -21.15 -3.43 -32.67
N PRO B 372 -22.42 -3.63 -32.29
CA PRO B 372 -23.42 -2.57 -32.48
C PRO B 372 -23.08 -1.21 -31.82
N LEU B 373 -22.20 -1.19 -30.82
CA LEU B 373 -21.80 0.08 -30.19
C LEU B 373 -21.07 1.00 -31.20
N ALA B 374 -20.57 0.44 -32.31
CA ALA B 374 -19.99 1.20 -33.46
C ALA B 374 -20.88 2.38 -33.88
N THR B 375 -22.20 2.18 -33.79
CA THR B 375 -23.21 3.18 -34.16
C THR B 375 -22.98 4.50 -33.41
N ILE B 376 -22.72 4.39 -32.10
CA ILE B 376 -22.41 5.53 -31.23
C ILE B 376 -20.94 5.93 -31.39
N LEU B 377 -20.02 4.95 -31.47
CA LEU B 377 -18.57 5.20 -31.31
C LEU B 377 -17.98 5.88 -32.55
N ILE B 378 -18.40 5.42 -33.74
CA ILE B 378 -18.02 6.05 -35.02
C ILE B 378 -19.12 7.02 -35.42
N PRO B 379 -18.89 8.34 -35.31
CA PRO B 379 -19.92 9.32 -35.65
C PRO B 379 -20.06 9.47 -37.16
N PRO B 380 -21.22 9.99 -37.65
CA PRO B 380 -21.46 10.16 -39.09
C PRO B 380 -20.30 10.72 -39.91
N HIS B 381 -19.72 11.82 -39.43
CA HIS B 381 -18.70 12.55 -40.15
C HIS B 381 -17.43 11.70 -40.32
N ALA B 382 -17.31 10.59 -39.59
CA ALA B 382 -16.10 9.78 -39.58
C ALA B 382 -16.23 8.51 -40.43
N ARG B 383 -17.47 8.15 -40.82
CA ARG B 383 -17.72 6.96 -41.66
C ARG B 383 -17.36 7.28 -43.11
#